data_6I3L
#
_entry.id   6I3L
#
_cell.length_a   136.250
_cell.length_b   200.663
_cell.length_c   217.121
_cell.angle_alpha   90.00
_cell.angle_beta   90.00
_cell.angle_gamma   90.00
#
_symmetry.space_group_name_H-M   'F 2 2 2'
#
loop_
_entity.id
_entity.type
_entity.pdbx_description
1 polymer 'Bilirubin oxidase'
2 branched beta-D-mannopyranose-(1-4)-2-acetamido-2-deoxy-beta-D-glucopyranose-(1-4)-2-acetamido-2-deoxy-beta-D-glucopyranose
3 branched 2-acetamido-2-deoxy-beta-D-glucopyranose-(1-4)-2-acetamido-2-deoxy-beta-D-glucopyranose
4 non-polymer 'COPPER (II) ION'
5 non-polymer 'SUCCINIC ACID'
6 non-polymer GLYCEROL
7 non-polymer 'OXYGEN MOLECULE'
8 non-polymer 'SODIUM ION'
9 water water
#
_entity_poly.entity_id   1
_entity_poly.type   'polypeptide(L)'
_entity_poly.pdbx_seq_one_letter_code
;VAQISPQYPMFTVPLPIPPVKQPRLTVTNPVNGQEIWYYEVEIKPFTHQVYPDLGSADLVGYDGMSPGPTFQVPRGVETV
VRFINNAEAPNSVHLHGSFSRAAFDGWAEDITEPGSFKDYYYPNRQSARTLWYHDHAMHITAENAYRGQAGLYMLTDPAE
DALNLPSGYGEFDIPMILTSKQYTANGNLVTTNGELNSFWGDVIHVNGQPWPFKNVEPRKYRFRFLDAAVSRSFGLYFAD
TDAIDTRLPFKVIASDSGLLEHPADTSLLYISMAERYEVVFDFSDYAGKTIELRNLGGSIGGIGTDTDYDNTDKVMRFVV
ADDTTQPDTSVVPANLRDVPFPSPTTNTPRQFRFGRTGPTWTINGVAFADVQNRLLANVPVGTVERWELINAGNGFTHPI
HIHLVDFKVISRTSGNNARTVMPYESGLKDVVWLGRRETVVVEAHYAPFPGVYMFHCHNLIHEDHDMMAAFNATVLPDYG
YNATVFVDPMEELWQARPYELGEFQAQSGQFSVQAVTERIQTMAEYRPYAAADE
;
_entity_poly.pdbx_strand_id   A,B
#
loop_
_chem_comp.id
_chem_comp.type
_chem_comp.name
_chem_comp.formula
BMA D-saccharide, beta linking beta-D-mannopyranose 'C6 H12 O6'
CU non-polymer 'COPPER (II) ION' 'Cu 2'
GOL non-polymer GLYCEROL 'C3 H8 O3'
NA non-polymer 'SODIUM ION' 'Na 1'
NAG D-saccharide, beta linking 2-acetamido-2-deoxy-beta-D-glucopyranose 'C8 H15 N O6'
OXY non-polymer 'OXYGEN MOLECULE' O2
SIN non-polymer 'SUCCINIC ACID' 'C4 H6 O4'
#
# COMPACT_ATOMS: atom_id res chain seq x y z
N VAL A 1 24.15 -12.92 27.56
CA VAL A 1 25.59 -12.50 27.48
C VAL A 1 25.67 -11.25 26.63
N ALA A 2 26.77 -10.50 26.77
CA ALA A 2 26.90 -9.15 26.18
C ALA A 2 26.59 -9.24 24.67
N GLN A 3 25.73 -8.37 24.19
CA GLN A 3 25.53 -8.09 22.75
C GLN A 3 26.90 -7.79 22.12
N ILE A 4 27.13 -8.34 20.93
CA ILE A 4 28.39 -8.17 20.16
C ILE A 4 28.19 -7.06 19.13
N SER A 5 27.09 -7.15 18.38
CA SER A 5 26.65 -6.17 17.38
C SER A 5 26.54 -4.81 18.05
N PRO A 6 26.78 -3.71 17.31
CA PRO A 6 26.68 -2.38 17.90
C PRO A 6 25.28 -2.09 18.45
N GLN A 7 25.18 -1.17 19.42
CA GLN A 7 23.90 -0.76 20.03
C GLN A 7 23.00 -0.23 18.92
N TYR A 8 21.74 -0.62 18.95
CA TYR A 8 20.73 -0.23 17.94
C TYR A 8 19.67 0.65 18.62
N PRO A 9 19.16 1.71 17.95
CA PRO A 9 18.02 2.49 18.46
C PRO A 9 16.67 1.74 18.43
N MET A 10 16.39 1.02 19.51
CA MET A 10 15.30 0.03 19.67
C MET A 10 13.92 0.70 19.51
N PHE A 11 13.08 0.08 18.70
CA PHE A 11 11.63 0.36 18.64
C PHE A 11 11.42 1.77 18.06
N THR A 12 12.31 2.23 17.18
CA THR A 12 12.21 3.59 16.57
C THR A 12 11.85 3.53 15.07
N VAL A 13 11.96 2.37 14.42
CA VAL A 13 11.66 2.22 12.97
C VAL A 13 10.37 1.39 12.79
N PRO A 14 9.41 1.91 12.01
CA PRO A 14 8.17 1.19 11.75
C PRO A 14 8.41 -0.18 11.09
N LEU A 15 7.58 -1.16 11.44
CA LEU A 15 7.59 -2.52 10.83
C LEU A 15 7.38 -2.41 9.33
N PRO A 16 8.34 -2.85 8.48
CA PRO A 16 8.11 -2.87 7.05
C PRO A 16 7.19 -4.05 6.68
N ILE A 17 6.41 -3.85 5.63
CA ILE A 17 5.53 -4.89 5.03
C ILE A 17 6.06 -5.17 3.64
N PRO A 18 6.57 -6.38 3.36
CA PRO A 18 7.01 -6.73 2.00
C PRO A 18 5.86 -6.46 1.03
N PRO A 19 6.13 -5.84 -0.12
CA PRO A 19 5.11 -5.64 -1.14
C PRO A 19 4.63 -6.98 -1.72
N VAL A 20 3.40 -6.99 -2.21
CA VAL A 20 2.83 -8.17 -2.93
C VAL A 20 3.46 -8.26 -4.33
N LYS A 21 4.03 -9.42 -4.65
CA LYS A 21 4.58 -9.74 -5.99
C LYS A 21 3.42 -9.88 -6.98
N GLN A 22 3.44 -9.16 -8.10
CA GLN A 22 2.43 -9.28 -9.20
C GLN A 22 2.98 -10.13 -10.35
N PRO A 23 2.18 -11.03 -10.96
CA PRO A 23 2.64 -11.79 -12.13
C PRO A 23 2.82 -10.87 -13.34
N ARG A 24 3.73 -11.22 -14.23
CA ARG A 24 3.99 -10.43 -15.45
C ARG A 24 2.89 -10.75 -16.49
N LEU A 25 2.50 -12.02 -16.62
CA LEU A 25 1.61 -12.54 -17.69
C LEU A 25 0.70 -13.63 -17.11
N THR A 26 -0.39 -13.93 -17.80
CA THR A 26 -1.13 -15.19 -17.63
C THR A 26 -1.01 -15.95 -18.94
N VAL A 27 -0.85 -17.25 -18.85
CA VAL A 27 -0.73 -18.14 -20.02
C VAL A 27 -1.88 -19.14 -19.95
N THR A 28 -2.60 -19.32 -21.05
CA THR A 28 -3.65 -20.37 -21.14
C THR A 28 -2.99 -21.75 -21.11
N ASN A 29 -3.36 -22.57 -20.11
CA ASN A 29 -3.04 -24.01 -20.06
C ASN A 29 -3.89 -24.72 -21.10
N PRO A 30 -3.29 -25.27 -22.17
CA PRO A 30 -4.03 -25.95 -23.22
C PRO A 30 -4.69 -27.25 -22.74
N VAL A 31 -4.23 -27.80 -21.62
CA VAL A 31 -4.85 -29.03 -21.06
C VAL A 31 -6.26 -28.75 -20.50
N ASN A 32 -6.44 -27.67 -19.74
CA ASN A 32 -7.68 -27.44 -18.95
C ASN A 32 -8.32 -26.09 -19.31
N GLY A 33 -7.75 -25.32 -20.23
CA GLY A 33 -8.22 -23.98 -20.62
C GLY A 33 -8.04 -22.93 -19.52
N GLN A 34 -7.38 -23.25 -18.39
CA GLN A 34 -7.24 -22.32 -17.23
C GLN A 34 -5.99 -21.44 -17.36
N GLU A 35 -6.02 -20.24 -16.75
CA GLU A 35 -4.87 -19.29 -16.75
C GLU A 35 -3.84 -19.76 -15.71
N ILE A 36 -2.58 -19.86 -16.13
CA ILE A 36 -1.37 -20.06 -15.27
C ILE A 36 -0.73 -18.70 -15.10
N TRP A 37 -0.47 -18.27 -13.86
CA TRP A 37 0.11 -16.94 -13.58
C TRP A 37 1.61 -17.11 -13.70
N TYR A 38 2.24 -16.27 -14.51
CA TYR A 38 3.70 -16.31 -14.75
C TYR A 38 4.34 -15.11 -14.09
N TYR A 39 5.35 -15.38 -13.29
CA TYR A 39 6.11 -14.34 -12.55
C TYR A 39 7.59 -14.44 -12.91
N GLU A 40 8.29 -13.32 -12.76
CA GLU A 40 9.77 -13.24 -12.86
C GLU A 40 10.34 -12.66 -11.56
N VAL A 41 11.31 -13.35 -10.99
CA VAL A 41 12.01 -12.86 -9.76
C VAL A 41 13.50 -12.84 -10.10
N GLU A 42 14.13 -11.67 -9.93
CA GLU A 42 15.57 -11.50 -10.23
C GLU A 42 16.33 -11.56 -8.89
N ILE A 43 17.18 -12.54 -8.71
CA ILE A 43 18.06 -12.65 -7.51
C ILE A 43 19.28 -11.77 -7.75
N LYS A 44 19.48 -10.74 -6.92
CA LYS A 44 20.57 -9.75 -7.17
C LYS A 44 21.06 -9.13 -5.88
N PRO A 45 22.35 -8.70 -5.86
CA PRO A 45 22.92 -8.00 -4.72
C PRO A 45 22.36 -6.60 -4.54
N PHE A 46 22.33 -6.13 -3.30
CA PHE A 46 21.88 -4.77 -2.96
C PHE A 46 22.48 -4.43 -1.61
N THR A 47 22.43 -3.17 -1.22
CA THR A 47 22.88 -2.75 0.12
C THR A 47 21.68 -2.17 0.82
N HIS A 48 21.66 -2.25 2.13
CA HIS A 48 20.57 -1.70 2.97
C HIS A 48 21.20 -1.09 4.21
N GLN A 49 20.84 0.14 4.48
CA GLN A 49 21.33 0.91 5.66
C GLN A 49 20.52 0.40 6.86
N VAL A 50 21.03 -0.60 7.58
CA VAL A 50 20.31 -1.20 8.76
C VAL A 50 20.52 -0.27 9.97
N TYR A 51 21.76 0.06 10.30
CA TYR A 51 22.10 0.99 11.39
C TYR A 51 22.15 2.42 10.86
N PRO A 52 21.29 3.33 11.37
CA PRO A 52 21.25 4.72 10.88
C PRO A 52 22.58 5.46 10.79
N ASP A 53 23.51 5.26 11.72
CA ASP A 53 24.69 6.16 11.84
C ASP A 53 25.95 5.40 11.45
N LEU A 54 25.84 4.24 10.81
CA LEU A 54 27.03 3.47 10.39
C LEU A 54 26.95 3.23 8.88
N GLY A 55 27.81 2.36 8.36
CA GLY A 55 27.79 1.85 6.97
C GLY A 55 26.61 0.93 6.69
N SER A 56 26.48 0.50 5.42
CA SER A 56 25.37 -0.33 4.89
CA SER A 56 25.37 -0.33 4.90
C SER A 56 25.74 -1.81 4.99
N ALA A 57 24.72 -2.67 4.94
CA ALA A 57 24.90 -4.15 4.93
C ALA A 57 24.82 -4.65 3.49
N ASP A 58 25.66 -5.64 3.12
CA ASP A 58 25.62 -6.31 1.80
C ASP A 58 24.66 -7.51 1.85
N LEU A 59 23.64 -7.46 0.99
CA LEU A 59 22.56 -8.47 0.94
CA LEU A 59 22.55 -8.47 0.95
C LEU A 59 22.43 -8.99 -0.49
N VAL A 60 21.86 -10.17 -0.65
CA VAL A 60 21.44 -10.73 -1.95
C VAL A 60 19.99 -11.23 -1.78
N GLY A 61 19.09 -10.71 -2.59
CA GLY A 61 17.65 -10.92 -2.37
C GLY A 61 16.90 -11.16 -3.65
N TYR A 62 15.72 -11.76 -3.49
CA TYR A 62 14.67 -11.87 -4.51
C TYR A 62 14.15 -10.46 -4.83
N ASP A 63 14.21 -10.09 -6.12
CA ASP A 63 13.94 -8.72 -6.62
C ASP A 63 14.74 -7.66 -5.84
N GLY A 64 15.95 -7.97 -5.37
CA GLY A 64 16.85 -7.01 -4.73
C GLY A 64 16.29 -6.43 -3.44
N MET A 65 15.55 -7.26 -2.70
CA MET A 65 15.00 -6.83 -1.38
CA MET A 65 14.94 -6.85 -1.41
C MET A 65 14.95 -8.02 -0.42
N SER A 66 14.83 -7.71 0.87
CA SER A 66 14.77 -8.75 1.94
C SER A 66 13.89 -8.22 3.05
N PRO A 67 12.83 -8.95 3.44
CA PRO A 67 12.41 -10.18 2.77
C PRO A 67 12.04 -9.98 1.30
N GLY A 68 12.04 -11.09 0.57
CA GLY A 68 11.54 -11.13 -0.81
C GLY A 68 10.10 -10.64 -0.82
N PRO A 69 9.57 -10.26 -1.99
CA PRO A 69 8.18 -9.86 -2.10
C PRO A 69 7.25 -11.05 -1.76
N THR A 70 6.10 -10.71 -1.18
CA THR A 70 5.07 -11.67 -0.75
C THR A 70 4.25 -12.12 -1.96
N PHE A 71 4.15 -13.43 -2.17
CA PHE A 71 3.19 -14.01 -3.13
C PHE A 71 1.84 -14.17 -2.45
N GLN A 72 0.77 -13.99 -3.23
CA GLN A 72 -0.63 -14.14 -2.74
C GLN A 72 -1.39 -14.82 -3.87
N VAL A 73 -1.66 -16.10 -3.70
CA VAL A 73 -2.09 -17.01 -4.80
C VAL A 73 -3.36 -17.69 -4.33
N PRO A 74 -4.49 -17.58 -5.07
CA PRO A 74 -5.69 -18.32 -4.73
C PRO A 74 -5.48 -19.82 -5.00
N ARG A 75 -5.95 -20.64 -4.08
CA ARG A 75 -6.08 -22.10 -4.28
CA ARG A 75 -6.07 -22.11 -4.28
C ARG A 75 -6.76 -22.34 -5.64
N GLY A 76 -6.18 -23.21 -6.46
CA GLY A 76 -6.73 -23.61 -7.76
C GLY A 76 -6.06 -22.91 -8.94
N VAL A 77 -5.24 -21.89 -8.70
CA VAL A 77 -4.47 -21.19 -9.76
C VAL A 77 -3.04 -21.72 -9.75
N GLU A 78 -2.65 -22.40 -10.82
CA GLU A 78 -1.24 -22.85 -10.97
C GLU A 78 -0.38 -21.60 -11.25
N THR A 79 0.86 -21.60 -10.76
CA THR A 79 1.81 -20.53 -11.01
C THR A 79 3.10 -21.13 -11.56
N VAL A 80 3.78 -20.35 -12.38
CA VAL A 80 5.16 -20.61 -12.85
C VAL A 80 5.98 -19.39 -12.45
N VAL A 81 7.06 -19.60 -11.71
CA VAL A 81 7.94 -18.48 -11.29
C VAL A 81 9.29 -18.71 -11.98
N ARG A 82 9.71 -17.71 -12.74
CA ARG A 82 11.05 -17.69 -13.36
C ARG A 82 11.98 -17.00 -12.37
N PHE A 83 12.76 -17.81 -11.66
CA PHE A 83 13.78 -17.32 -10.71
C PHE A 83 15.08 -17.12 -11.49
N ILE A 84 15.48 -15.87 -11.62
CA ILE A 84 16.63 -15.42 -12.46
C ILE A 84 17.82 -15.09 -11.54
N ASN A 85 18.91 -15.81 -11.70
CA ASN A 85 20.14 -15.60 -10.91
C ASN A 85 20.97 -14.55 -11.63
N ASN A 86 20.97 -13.33 -11.09
CA ASN A 86 21.88 -12.22 -11.44
C ASN A 86 22.79 -11.89 -10.24
N ALA A 87 23.29 -12.90 -9.54
CA ALA A 87 24.08 -12.72 -8.30
C ALA A 87 25.46 -13.35 -8.48
N GLU A 88 26.13 -13.72 -7.39
CA GLU A 88 27.55 -14.15 -7.43
C GLU A 88 27.66 -15.63 -7.03
N ALA A 89 26.60 -16.27 -6.55
CA ALA A 89 26.63 -17.68 -6.15
C ALA A 89 25.37 -18.40 -6.64
N PRO A 90 25.43 -19.73 -6.82
CA PRO A 90 24.27 -20.45 -7.32
C PRO A 90 23.12 -20.39 -6.31
N ASN A 91 21.92 -20.73 -6.79
CA ASN A 91 20.68 -20.81 -5.97
C ASN A 91 19.90 -22.05 -6.37
N SER A 92 19.01 -22.47 -5.49
CA SER A 92 17.95 -23.49 -5.71
C SER A 92 16.74 -23.04 -4.87
N VAL A 93 15.63 -22.68 -5.50
CA VAL A 93 14.45 -22.18 -4.75
C VAL A 93 13.58 -23.35 -4.29
N HIS A 94 13.26 -23.36 -3.00
CA HIS A 94 12.25 -24.26 -2.41
C HIS A 94 11.05 -23.45 -1.93
N LEU A 95 9.84 -23.82 -2.39
CA LEU A 95 8.54 -23.38 -1.83
C LEU A 95 8.17 -24.32 -0.68
N HIS A 96 8.47 -23.88 0.53
CA HIS A 96 8.26 -24.67 1.77
C HIS A 96 6.77 -24.68 2.11
N GLY A 97 6.15 -25.85 2.10
CA GLY A 97 4.71 -26.03 2.40
C GLY A 97 3.95 -26.50 1.17
N SER A 98 4.63 -26.64 0.02
CA SER A 98 4.02 -26.98 -1.30
C SER A 98 4.42 -28.40 -1.68
N PHE A 99 3.44 -29.23 -2.04
CA PHE A 99 3.70 -30.59 -2.56
C PHE A 99 4.11 -30.52 -4.06
N SER A 100 5.12 -29.68 -4.33
CA SER A 100 5.73 -29.48 -5.68
C SER A 100 6.35 -30.80 -6.18
N ARG A 101 6.40 -30.99 -7.50
CA ARG A 101 7.11 -32.16 -8.06
C ARG A 101 8.59 -32.06 -7.71
N ALA A 102 9.27 -33.20 -7.66
CA ALA A 102 10.70 -33.30 -7.28
C ALA A 102 11.53 -32.21 -7.95
N ALA A 103 11.34 -31.96 -9.24
CA ALA A 103 12.18 -31.05 -10.06
C ALA A 103 11.75 -29.60 -9.88
N PHE A 104 10.65 -29.33 -9.19
CA PHE A 104 10.21 -27.95 -8.90
C PHE A 104 10.27 -27.67 -7.39
N ASP A 105 10.97 -28.49 -6.59
CA ASP A 105 10.90 -28.46 -5.10
C ASP A 105 12.17 -27.86 -4.47
N GLY A 106 13.20 -27.50 -5.23
CA GLY A 106 14.46 -26.95 -4.70
C GLY A 106 15.39 -28.02 -4.14
N TRP A 107 15.37 -29.24 -4.70
CA TRP A 107 16.45 -30.24 -4.47
C TRP A 107 17.79 -29.49 -4.40
N ALA A 108 18.60 -29.79 -3.39
CA ALA A 108 19.80 -28.98 -3.06
C ALA A 108 20.84 -29.01 -4.21
N GLU A 109 20.95 -30.12 -4.95
CA GLU A 109 21.93 -30.17 -6.08
CA GLU A 109 21.87 -30.26 -6.12
C GLU A 109 21.27 -29.57 -7.35
N ASP A 110 19.96 -29.27 -7.34
CA ASP A 110 19.23 -28.73 -8.54
C ASP A 110 19.43 -27.21 -8.62
N ILE A 111 20.65 -26.81 -8.89
CA ILE A 111 21.06 -25.38 -8.78
C ILE A 111 20.86 -24.69 -10.11
N THR A 112 20.73 -23.38 -9.99
CA THR A 112 20.82 -22.36 -11.05
C THR A 112 22.15 -21.60 -10.82
N GLU A 113 23.04 -21.58 -11.82
CA GLU A 113 24.30 -20.79 -11.77
C GLU A 113 23.98 -19.33 -12.05
N PRO A 114 24.80 -18.38 -11.56
CA PRO A 114 24.70 -16.99 -12.02
C PRO A 114 24.69 -16.94 -13.56
N GLY A 115 23.84 -16.08 -14.12
CA GLY A 115 23.61 -15.98 -15.58
C GLY A 115 22.71 -17.08 -16.12
N SER A 116 21.98 -17.76 -15.23
CA SER A 116 20.93 -18.75 -15.59
C SER A 116 19.65 -18.45 -14.81
N PHE A 117 18.56 -19.08 -15.25
CA PHE A 117 17.23 -19.01 -14.60
C PHE A 117 16.61 -20.40 -14.67
N LYS A 118 15.61 -20.61 -13.81
CA LYS A 118 14.82 -21.84 -13.82
C LYS A 118 13.34 -21.49 -13.64
N ASP A 119 12.49 -22.17 -14.38
CA ASP A 119 11.00 -22.03 -14.31
C ASP A 119 10.51 -23.08 -13.33
N TYR A 120 9.94 -22.61 -12.20
CA TYR A 120 9.31 -23.47 -11.18
C TYR A 120 7.79 -23.45 -11.43
N TYR A 121 7.21 -24.63 -11.52
CA TYR A 121 5.76 -24.87 -11.77
C TYR A 121 5.16 -25.39 -10.47
N TYR A 122 4.32 -24.56 -9.86
CA TYR A 122 3.71 -24.80 -8.52
C TYR A 122 2.24 -25.14 -8.68
N PRO A 123 1.73 -26.12 -7.90
CA PRO A 123 0.34 -26.55 -8.00
C PRO A 123 -0.69 -25.66 -7.32
N ASN A 124 -0.38 -25.13 -6.12
CA ASN A 124 -1.31 -24.26 -5.36
C ASN A 124 -2.66 -24.97 -5.15
N ARG A 125 -2.67 -26.26 -4.79
CA ARG A 125 -3.91 -27.04 -4.58
C ARG A 125 -4.13 -27.35 -3.10
N GLN A 126 -3.12 -27.18 -2.25
CA GLN A 126 -3.23 -27.60 -0.83
C GLN A 126 -4.14 -26.62 -0.08
N SER A 127 -4.47 -26.94 1.16
CA SER A 127 -5.29 -26.08 2.04
C SER A 127 -4.57 -24.73 2.22
N ALA A 128 -5.35 -23.64 2.33
CA ALA A 128 -4.91 -22.29 2.71
C ALA A 128 -3.91 -22.42 3.87
N ARG A 129 -2.78 -21.75 3.71
CA ARG A 129 -1.62 -21.85 4.61
C ARG A 129 -0.65 -20.73 4.24
N THR A 130 0.25 -20.42 5.16
CA THR A 130 1.40 -19.53 4.97
C THR A 130 2.59 -20.41 4.55
N LEU A 131 2.92 -20.38 3.25
CA LEU A 131 4.17 -20.97 2.72
C LEU A 131 5.27 -19.91 2.81
N TRP A 132 6.50 -20.34 2.54
CA TRP A 132 7.60 -19.39 2.32
C TRP A 132 8.53 -20.03 1.29
N TYR A 133 9.11 -19.18 0.43
CA TYR A 133 10.08 -19.60 -0.62
C TYR A 133 11.46 -19.13 -0.18
N HIS A 134 12.48 -19.97 -0.35
CA HIS A 134 13.83 -19.65 0.16
C HIS A 134 14.88 -20.50 -0.52
N ASP A 135 16.14 -20.10 -0.31
CA ASP A 135 17.24 -20.77 -1.00
C ASP A 135 17.47 -22.12 -0.34
N HIS A 136 17.87 -23.09 -1.15
CA HIS A 136 18.12 -24.49 -0.70
C HIS A 136 19.40 -25.04 -1.36
N ALA A 137 20.26 -24.18 -1.94
CA ALA A 137 21.47 -24.62 -2.67
C ALA A 137 22.45 -25.32 -1.70
N MET A 138 22.87 -26.51 -2.08
CA MET A 138 23.83 -27.40 -1.38
C MET A 138 25.00 -26.62 -0.76
N HIS A 139 25.20 -26.76 0.53
CA HIS A 139 26.41 -26.22 1.24
CA HIS A 139 26.31 -26.25 1.39
C HIS A 139 26.25 -24.74 1.60
N ILE A 140 25.43 -24.00 0.86
CA ILE A 140 25.42 -22.51 0.98
C ILE A 140 24.02 -22.02 1.34
N THR A 141 23.14 -22.91 1.79
CA THR A 141 21.75 -22.55 2.12
C THR A 141 21.72 -21.54 3.28
N ALA A 142 22.51 -21.74 4.34
CA ALA A 142 22.54 -20.80 5.50
C ALA A 142 22.88 -19.37 5.04
N GLU A 143 23.99 -19.22 4.33
CA GLU A 143 24.47 -17.88 3.90
C GLU A 143 23.50 -17.28 2.87
N ASN A 144 22.93 -18.07 1.96
CA ASN A 144 21.98 -17.52 0.96
C ASN A 144 20.71 -17.01 1.67
N ALA A 145 20.17 -17.78 2.62
CA ALA A 145 18.98 -17.39 3.41
C ALA A 145 19.32 -16.16 4.27
N TYR A 146 20.45 -16.18 4.98
CA TYR A 146 20.94 -15.12 5.91
C TYR A 146 21.10 -13.79 5.16
N ARG A 147 21.64 -13.84 3.95
CA ARG A 147 21.90 -12.62 3.14
C ARG A 147 20.66 -12.12 2.39
N GLY A 148 19.56 -12.88 2.36
CA GLY A 148 18.22 -12.30 2.07
C GLY A 148 17.30 -13.12 1.19
N GLN A 149 17.68 -14.35 0.83
CA GLN A 149 16.84 -15.18 -0.10
C GLN A 149 15.81 -15.97 0.73
N ALA A 150 14.83 -15.24 1.22
CA ALA A 150 13.58 -15.81 1.75
C ALA A 150 12.47 -14.77 1.59
N GLY A 151 11.28 -15.23 1.29
CA GLY A 151 10.05 -14.43 1.32
C GLY A 151 8.81 -15.27 1.59
N LEU A 152 7.68 -14.61 1.77
CA LEU A 152 6.40 -15.25 2.14
C LEU A 152 5.58 -15.59 0.90
N TYR A 153 4.79 -16.67 0.98
CA TYR A 153 3.90 -17.12 -0.11
C TYR A 153 2.57 -17.60 0.51
N MET A 154 1.53 -16.78 0.44
CA MET A 154 0.21 -17.01 1.09
C MET A 154 -0.70 -17.71 0.09
N LEU A 155 -1.10 -18.94 0.40
CA LEU A 155 -2.09 -19.68 -0.38
C LEU A 155 -3.46 -19.39 0.26
N THR A 156 -4.34 -18.74 -0.48
CA THR A 156 -5.66 -18.26 0.01
C THR A 156 -6.77 -19.16 -0.51
N ASP A 157 -7.89 -19.13 0.20
CA ASP A 157 -9.09 -19.95 -0.08
C ASP A 157 -10.31 -19.18 0.42
N PRO A 158 -11.33 -18.87 -0.43
CA PRO A 158 -12.51 -18.12 0.01
C PRO A 158 -13.32 -18.81 1.14
N ALA A 159 -13.24 -20.14 1.29
CA ALA A 159 -13.73 -20.88 2.47
C ALA A 159 -13.06 -20.40 3.76
N GLU A 160 -11.73 -20.24 3.78
CA GLU A 160 -11.03 -19.67 4.98
C GLU A 160 -11.44 -18.20 5.11
N ASP A 161 -11.63 -17.49 4.01
CA ASP A 161 -11.97 -16.04 4.06
C ASP A 161 -13.35 -15.89 4.67
N ALA A 162 -14.25 -16.86 4.48
CA ALA A 162 -15.63 -16.82 5.02
C ALA A 162 -15.63 -16.94 6.56
N LEU A 163 -14.50 -17.31 7.20
CA LEU A 163 -14.43 -17.38 8.70
C LEU A 163 -14.36 -15.98 9.30
N ASN A 164 -14.10 -14.95 8.48
CA ASN A 164 -14.06 -13.52 8.93
C ASN A 164 -12.97 -13.32 9.98
N LEU A 165 -11.84 -14.03 9.87
CA LEU A 165 -10.61 -13.71 10.63
C LEU A 165 -10.15 -12.29 10.29
N PRO A 166 -9.34 -11.62 11.16
CA PRO A 166 -8.75 -10.32 10.80
C PRO A 166 -8.09 -10.37 9.42
N SER A 167 -8.32 -9.38 8.56
CA SER A 167 -8.05 -9.53 7.12
C SER A 167 -7.36 -8.29 6.55
N GLY A 168 -6.83 -8.46 5.35
CA GLY A 168 -6.17 -7.38 4.60
C GLY A 168 -4.67 -7.43 4.85
N TYR A 169 -3.91 -7.91 3.85
CA TYR A 169 -2.43 -8.00 3.95
C TYR A 169 -1.91 -6.61 4.27
N GLY A 170 -1.19 -6.44 5.38
CA GLY A 170 -0.66 -5.13 5.79
C GLY A 170 -1.68 -4.23 6.46
N GLU A 171 -2.95 -4.64 6.57
CA GLU A 171 -4.00 -3.89 7.31
CA GLU A 171 -4.04 -3.92 7.29
C GLU A 171 -4.17 -4.55 8.68
N PHE A 172 -4.83 -5.73 8.76
CA PHE A 172 -5.07 -6.48 10.02
C PHE A 172 -4.56 -7.93 9.87
N ASP A 173 -3.98 -8.25 8.72
CA ASP A 173 -3.26 -9.52 8.46
C ASP A 173 -1.80 -9.18 8.22
N ILE A 174 -0.94 -9.39 9.23
CA ILE A 174 0.42 -8.80 9.30
C ILE A 174 1.44 -9.91 9.22
N PRO A 175 2.36 -9.88 8.24
CA PRO A 175 3.44 -10.87 8.18
C PRO A 175 4.44 -10.57 9.29
N MET A 176 4.96 -11.60 9.94
CA MET A 176 5.94 -11.48 11.04
C MET A 176 7.11 -12.46 10.83
N ILE A 177 7.98 -12.11 9.88
CA ILE A 177 9.16 -12.93 9.49
C ILE A 177 10.30 -12.61 10.48
N LEU A 178 10.58 -13.58 11.36
CA LEU A 178 11.60 -13.44 12.42
C LEU A 178 12.94 -13.91 11.85
N THR A 179 13.97 -13.08 12.00
CA THR A 179 15.39 -13.49 11.84
C THR A 179 16.23 -13.02 13.02
N SER A 180 17.41 -13.61 13.11
CA SER A 180 18.41 -13.33 14.16
C SER A 180 19.80 -13.27 13.52
N LYS A 181 20.41 -12.09 13.47
CA LYS A 181 21.69 -11.86 12.77
C LYS A 181 22.67 -11.12 13.68
N GLN A 182 23.89 -11.00 13.20
CA GLN A 182 24.97 -10.27 13.89
C GLN A 182 25.57 -9.30 12.88
N TYR A 183 25.94 -8.12 13.34
CA TYR A 183 26.50 -7.05 12.50
C TYR A 183 27.90 -6.69 13.00
N THR A 184 28.71 -6.15 12.10
CA THR A 184 30.08 -5.64 12.37
C THR A 184 29.98 -4.25 12.97
N ALA A 185 31.10 -3.72 13.49
CA ALA A 185 31.18 -2.38 14.10
C ALA A 185 30.76 -1.33 13.09
N ASN A 186 30.84 -1.62 11.79
CA ASN A 186 30.48 -0.61 10.74
CA ASN A 186 30.51 -0.64 10.72
C ASN A 186 29.12 -0.93 10.11
N GLY A 187 28.33 -1.82 10.73
CA GLY A 187 26.91 -2.05 10.33
C GLY A 187 26.74 -2.95 9.11
N ASN A 188 27.75 -3.71 8.72
CA ASN A 188 27.63 -4.81 7.73
C ASN A 188 27.27 -6.08 8.49
N LEU A 189 26.77 -7.09 7.79
CA LEU A 189 26.49 -8.40 8.41
C LEU A 189 27.80 -9.13 8.67
N VAL A 190 27.83 -9.84 9.78
CA VAL A 190 28.84 -10.89 10.07
C VAL A 190 28.38 -12.11 9.29
N THR A 191 29.26 -12.68 8.47
CA THR A 191 28.97 -13.86 7.63
C THR A 191 28.71 -15.07 8.53
N THR A 192 27.89 -16.00 8.06
CA THR A 192 27.74 -17.34 8.68
C THR A 192 28.88 -18.23 8.20
N ASN A 193 29.59 -17.86 7.14
CA ASN A 193 30.66 -18.75 6.61
C ASN A 193 31.61 -19.09 7.77
N GLY A 194 31.95 -20.36 7.91
CA GLY A 194 32.91 -20.82 8.93
C GLY A 194 32.20 -21.35 10.16
N GLU A 195 30.94 -20.97 10.40
CA GLU A 195 30.23 -21.44 11.61
C GLU A 195 29.80 -22.90 11.36
N LEU A 196 30.13 -23.82 12.25
CA LEU A 196 29.79 -25.25 12.05
C LEU A 196 28.84 -25.79 13.14
N ASN A 197 28.56 -25.00 14.18
CA ASN A 197 27.69 -25.46 15.30
C ASN A 197 26.29 -24.84 15.12
N SER A 198 26.18 -23.53 15.28
CA SER A 198 24.91 -22.76 15.16
C SER A 198 25.27 -21.30 15.07
N PHE A 199 24.55 -20.53 14.28
CA PHE A 199 24.74 -19.07 14.19
C PHE A 199 23.55 -18.39 14.86
N TRP A 200 23.67 -18.05 16.14
CA TRP A 200 22.52 -17.61 16.97
C TRP A 200 22.02 -16.24 16.51
N GLY A 201 22.93 -15.30 16.30
CA GLY A 201 22.61 -13.89 16.05
C GLY A 201 22.24 -13.20 17.34
N ASP A 202 22.51 -11.91 17.41
CA ASP A 202 22.24 -11.13 18.65
C ASP A 202 21.28 -9.99 18.32
N VAL A 203 20.88 -9.86 17.06
CA VAL A 203 19.95 -8.78 16.63
C VAL A 203 18.68 -9.43 16.07
N ILE A 204 17.56 -9.17 16.72
CA ILE A 204 16.24 -9.75 16.33
C ILE A 204 15.61 -8.80 15.33
N HIS A 205 15.18 -9.36 14.20
CA HIS A 205 14.51 -8.63 13.09
C HIS A 205 13.07 -9.14 12.95
N VAL A 206 12.17 -8.25 12.59
CA VAL A 206 10.86 -8.61 12.02
C VAL A 206 10.80 -7.96 10.63
N ASN A 207 10.53 -8.78 9.62
CA ASN A 207 10.46 -8.38 8.19
C ASN A 207 11.71 -7.57 7.80
N GLY A 208 12.87 -8.01 8.28
CA GLY A 208 14.17 -7.50 7.85
C GLY A 208 14.62 -6.31 8.66
N GLN A 209 13.83 -5.89 9.67
CA GLN A 209 14.11 -4.67 10.46
C GLN A 209 14.40 -5.05 11.90
N PRO A 210 15.59 -4.67 12.43
CA PRO A 210 15.87 -4.78 13.85
C PRO A 210 14.84 -4.08 14.74
N TRP A 211 14.34 -4.82 15.74
CA TRP A 211 13.52 -4.31 16.87
C TRP A 211 12.60 -3.18 16.42
N PRO A 212 11.65 -3.43 15.50
CA PRO A 212 10.78 -2.35 15.02
C PRO A 212 9.63 -2.02 15.99
N PHE A 213 8.78 -1.10 15.58
CA PHE A 213 7.52 -0.82 16.30
C PHE A 213 6.41 -0.75 15.26
N LYS A 214 5.18 -0.91 15.69
CA LYS A 214 4.01 -0.64 14.83
C LYS A 214 2.91 0.02 15.65
N ASN A 215 2.26 1.03 15.06
CA ASN A 215 1.02 1.61 15.61
C ASN A 215 -0.15 0.66 15.26
N VAL A 216 -0.88 0.20 16.27
CA VAL A 216 -2.07 -0.70 16.08
C VAL A 216 -3.27 -0.03 16.75
N GLU A 217 -4.46 -0.35 16.26
CA GLU A 217 -5.76 0.03 16.88
C GLU A 217 -6.12 -1.02 17.92
N PRO A 218 -6.93 -0.66 18.95
CA PRO A 218 -7.35 -1.63 19.96
C PRO A 218 -8.41 -2.60 19.40
N ARG A 219 -7.97 -3.55 18.59
CA ARG A 219 -8.82 -4.56 17.93
C ARG A 219 -7.99 -5.79 17.58
N LYS A 220 -8.56 -6.72 16.83
CA LYS A 220 -7.95 -8.05 16.61
C LYS A 220 -7.08 -7.98 15.36
N TYR A 221 -5.85 -8.51 15.45
CA TYR A 221 -4.90 -8.64 14.33
C TYR A 221 -4.58 -10.13 14.16
N ARG A 222 -4.50 -10.57 12.91
CA ARG A 222 -3.86 -11.83 12.49
C ARG A 222 -2.37 -11.57 12.28
N PHE A 223 -1.52 -12.31 13.00
CA PHE A 223 -0.04 -12.27 12.86
C PHE A 223 0.43 -13.59 12.25
N ARG A 224 1.13 -13.54 11.11
CA ARG A 224 1.69 -14.75 10.44
C ARG A 224 3.15 -14.86 10.85
N PHE A 225 3.40 -15.58 11.94
CA PHE A 225 4.77 -15.85 12.44
C PHE A 225 5.46 -16.91 11.58
N LEU A 226 6.71 -16.59 11.22
CA LEU A 226 7.65 -17.48 10.49
C LEU A 226 9.01 -17.31 11.15
N ASP A 227 9.62 -18.40 11.60
CA ASP A 227 11.03 -18.38 12.06
C ASP A 227 11.91 -18.61 10.85
N ALA A 228 12.39 -17.54 10.22
CA ALA A 228 13.31 -17.60 9.04
C ALA A 228 14.77 -17.49 9.48
N ALA A 229 15.04 -17.61 10.78
CA ALA A 229 16.41 -17.47 11.32
C ALA A 229 17.26 -18.66 10.89
N VAL A 230 18.57 -18.45 10.82
CA VAL A 230 19.57 -19.52 10.52
C VAL A 230 19.56 -20.57 11.63
N SER A 231 19.65 -20.16 12.90
CA SER A 231 19.75 -21.13 14.01
C SER A 231 18.85 -20.79 15.22
N ARG A 232 18.20 -19.63 15.29
CA ARG A 232 17.53 -19.20 16.54
C ARG A 232 16.10 -19.72 16.55
N SER A 233 15.78 -20.47 17.60
CA SER A 233 14.40 -20.81 18.03
C SER A 233 13.93 -19.77 19.04
N PHE A 234 12.61 -19.55 19.10
CA PHE A 234 11.96 -18.55 19.99
C PHE A 234 10.90 -19.20 20.88
N GLY A 235 10.63 -18.53 21.99
CA GLY A 235 9.44 -18.74 22.81
C GLY A 235 8.73 -17.39 22.93
N LEU A 236 7.75 -17.13 22.07
CA LEU A 236 7.17 -15.79 21.94
C LEU A 236 6.09 -15.62 22.99
N TYR A 237 6.06 -14.41 23.57
CA TYR A 237 4.95 -13.93 24.42
C TYR A 237 4.79 -12.42 24.24
N PHE A 238 3.60 -11.94 24.60
CA PHE A 238 3.21 -10.52 24.60
C PHE A 238 3.11 -10.03 26.04
N ALA A 239 3.58 -8.81 26.32
CA ALA A 239 3.46 -8.19 27.66
C ALA A 239 3.22 -6.70 27.54
N ASP A 240 2.36 -6.17 28.39
CA ASP A 240 2.21 -4.71 28.62
C ASP A 240 3.56 -4.19 29.13
N THR A 241 4.09 -3.08 28.59
CA THR A 241 5.38 -2.51 29.07
C THR A 241 5.21 -2.03 30.52
N ASP A 242 4.00 -1.86 31.04
CA ASP A 242 3.75 -1.53 32.47
CA ASP A 242 3.79 -1.52 32.48
C ASP A 242 3.79 -2.79 33.35
N ALA A 243 4.00 -3.98 32.77
CA ALA A 243 4.05 -5.28 33.49
C ALA A 243 4.75 -6.32 32.59
N ILE A 244 6.03 -6.11 32.37
CA ILE A 244 6.78 -6.63 31.19
C ILE A 244 6.96 -8.15 31.32
N ASP A 245 6.67 -8.76 32.47
CA ASP A 245 6.91 -10.21 32.68
C ASP A 245 5.58 -10.94 32.76
N THR A 246 4.47 -10.22 32.64
CA THR A 246 3.10 -10.80 32.65
C THR A 246 2.65 -11.09 31.22
N ARG A 247 2.51 -12.37 30.91
CA ARG A 247 2.21 -12.89 29.55
C ARG A 247 0.73 -12.65 29.24
N LEU A 248 0.43 -12.12 28.08
CA LEU A 248 -0.98 -11.83 27.71
C LEU A 248 -1.48 -12.96 26.82
N PRO A 249 -2.73 -13.43 27.04
CA PRO A 249 -3.30 -14.52 26.25
C PRO A 249 -3.54 -14.12 24.80
N PHE A 250 -3.43 -15.11 23.92
CA PHE A 250 -3.73 -14.99 22.48
C PHE A 250 -4.17 -16.35 21.97
N LYS A 251 -4.54 -16.42 20.68
CA LYS A 251 -5.06 -17.67 20.08
C LYS A 251 -4.17 -18.02 18.90
N VAL A 252 -3.74 -19.27 18.84
CA VAL A 252 -3.09 -19.78 17.61
C VAL A 252 -4.23 -20.33 16.75
N ILE A 253 -4.31 -19.92 15.49
CA ILE A 253 -5.38 -20.38 14.57
C ILE A 253 -4.83 -21.32 13.49
N ALA A 254 -3.53 -21.33 13.25
CA ALA A 254 -2.98 -22.15 12.15
C ALA A 254 -1.52 -22.52 12.41
N SER A 255 -1.14 -23.67 11.88
CA SER A 255 0.21 -24.26 11.95
C SER A 255 0.73 -24.30 10.50
N ASP A 256 1.84 -24.97 10.24
CA ASP A 256 2.55 -24.95 8.94
C ASP A 256 1.56 -25.20 7.78
N SER A 257 0.66 -26.17 7.94
CA SER A 257 -0.14 -26.77 6.85
C SER A 257 -1.52 -26.12 6.78
N GLY A 258 -1.86 -25.26 7.74
CA GLY A 258 -3.14 -24.55 7.68
C GLY A 258 -3.85 -24.49 9.03
N LEU A 259 -5.12 -24.17 9.01
CA LEU A 259 -5.92 -23.94 10.24
C LEU A 259 -5.85 -25.17 11.15
N LEU A 260 -5.80 -24.89 12.45
CA LEU A 260 -6.14 -25.86 13.49
C LEU A 260 -7.63 -26.15 13.40
N GLU A 261 -8.04 -27.23 14.07
CA GLU A 261 -9.44 -27.64 14.21
C GLU A 261 -10.17 -26.57 15.03
N HIS A 262 -9.52 -26.11 16.08
CA HIS A 262 -10.02 -25.04 16.99
C HIS A 262 -8.86 -24.12 17.33
N PRO A 263 -9.12 -22.85 17.65
CA PRO A 263 -8.05 -21.99 18.12
C PRO A 263 -7.46 -22.60 19.40
N ALA A 264 -6.13 -22.52 19.56
CA ALA A 264 -5.40 -22.92 20.78
C ALA A 264 -5.13 -21.67 21.60
N ASP A 265 -5.72 -21.60 22.79
CA ASP A 265 -5.54 -20.51 23.77
C ASP A 265 -4.15 -20.70 24.37
N THR A 266 -3.34 -19.66 24.32
CA THR A 266 -1.86 -19.72 24.44
C THR A 266 -1.37 -18.39 25.03
N SER A 267 -0.37 -18.43 25.90
CA SER A 267 0.36 -17.23 26.37
CA SER A 267 0.36 -17.23 26.37
C SER A 267 1.84 -17.34 26.02
N LEU A 268 2.27 -18.51 25.55
CA LEU A 268 3.67 -18.77 25.15
C LEU A 268 3.66 -19.65 23.90
N LEU A 269 4.35 -19.21 22.85
CA LEU A 269 4.40 -19.92 21.55
C LEU A 269 5.84 -20.30 21.28
N TYR A 270 6.16 -21.60 21.40
CA TYR A 270 7.44 -22.11 20.87
C TYR A 270 7.35 -22.10 19.35
N ILE A 271 8.37 -21.55 18.69
CA ILE A 271 8.50 -21.54 17.22
C ILE A 271 9.98 -21.66 16.87
N SER A 272 10.31 -22.71 16.13
CA SER A 272 11.70 -23.04 15.73
C SER A 272 11.83 -22.78 14.22
N MET A 273 13.02 -22.98 13.68
CA MET A 273 13.35 -22.59 12.29
C MET A 273 12.37 -23.28 11.32
N ALA A 274 11.72 -22.48 10.47
CA ALA A 274 10.88 -22.89 9.32
C ALA A 274 9.44 -23.14 9.77
N GLU A 275 9.16 -23.12 11.08
CA GLU A 275 7.76 -23.26 11.55
C GLU A 275 7.02 -21.96 11.24
N ARG A 276 5.76 -22.11 10.82
CA ARG A 276 4.76 -21.02 10.70
C ARG A 276 3.61 -21.27 11.68
N TYR A 277 3.22 -20.21 12.38
CA TYR A 277 2.05 -20.20 13.29
C TYR A 277 1.38 -18.86 13.07
N GLU A 278 0.10 -18.90 12.77
CA GLU A 278 -0.74 -17.69 12.63
C GLU A 278 -1.46 -17.48 13.96
N VAL A 279 -1.41 -16.25 14.44
CA VAL A 279 -1.88 -15.89 15.80
C VAL A 279 -2.90 -14.78 15.63
N VAL A 280 -3.99 -14.83 16.37
CA VAL A 280 -4.87 -13.65 16.52
C VAL A 280 -4.61 -13.04 17.89
N PHE A 281 -4.12 -11.80 17.91
CA PHE A 281 -3.94 -11.02 19.16
C PHE A 281 -5.03 -9.96 19.21
N ASP A 282 -5.73 -9.87 20.36
CA ASP A 282 -6.79 -8.86 20.61
C ASP A 282 -6.19 -7.72 21.44
N PHE A 283 -6.00 -6.56 20.82
CA PHE A 283 -5.48 -5.33 21.50
C PHE A 283 -6.61 -4.52 22.19
N SER A 284 -7.86 -4.97 22.15
CA SER A 284 -9.00 -4.14 22.65
CA SER A 284 -9.05 -4.25 22.69
C SER A 284 -8.84 -3.90 24.16
N ASP A 285 -8.27 -4.83 24.91
CA ASP A 285 -8.13 -4.64 26.38
C ASP A 285 -6.91 -3.78 26.71
N TYR A 286 -6.18 -3.29 25.72
CA TYR A 286 -4.87 -2.61 25.96
C TYR A 286 -4.84 -1.26 25.26
N ALA A 287 -6.00 -0.64 25.09
CA ALA A 287 -6.17 0.70 24.47
C ALA A 287 -5.25 1.68 25.23
N GLY A 288 -4.44 2.45 24.51
CA GLY A 288 -3.54 3.46 25.10
C GLY A 288 -2.31 2.85 25.74
N LYS A 289 -2.09 1.55 25.61
CA LYS A 289 -0.90 0.88 26.21
C LYS A 289 0.10 0.58 25.10
N THR A 290 1.32 0.19 25.50
CA THR A 290 2.36 -0.37 24.61
C THR A 290 2.51 -1.85 24.98
N ILE A 291 2.33 -2.73 24.00
CA ILE A 291 2.54 -4.21 24.14
C ILE A 291 3.86 -4.59 23.47
N GLU A 292 4.78 -5.17 24.23
CA GLU A 292 6.07 -5.67 23.68
C GLU A 292 5.93 -7.16 23.36
N LEU A 293 6.28 -7.54 22.13
CA LEU A 293 6.47 -8.97 21.77
C LEU A 293 7.87 -9.35 22.25
N ARG A 294 7.95 -10.41 23.05
CA ARG A 294 9.20 -10.78 23.73
C ARG A 294 9.53 -12.23 23.41
N ASN A 295 10.72 -12.62 23.83
CA ASN A 295 11.29 -13.97 23.57
C ASN A 295 11.83 -14.49 24.90
N LEU A 296 11.39 -15.69 25.28
CA LEU A 296 11.90 -16.45 26.45
C LEU A 296 13.43 -16.54 26.42
N GLY A 297 14.06 -16.33 27.58
CA GLY A 297 15.48 -16.60 27.83
C GLY A 297 15.67 -18.00 28.38
N GLY A 298 16.84 -18.26 28.96
CA GLY A 298 17.20 -19.61 29.46
C GLY A 298 17.16 -20.65 28.35
N SER A 299 17.61 -20.29 27.16
CA SER A 299 17.61 -21.17 25.95
C SER A 299 16.18 -21.71 25.73
N ILE A 300 15.27 -20.78 25.48
CA ILE A 300 13.80 -21.03 25.33
C ILE A 300 13.34 -21.94 26.51
N GLY A 301 13.58 -21.46 27.74
CA GLY A 301 13.19 -22.12 28.99
C GLY A 301 13.59 -23.59 29.06
N GLY A 302 14.84 -23.92 28.73
CA GLY A 302 15.37 -25.28 28.87
C GLY A 302 15.00 -26.22 27.74
N ILE A 303 14.18 -25.78 26.78
CA ILE A 303 13.83 -26.61 25.60
C ILE A 303 15.03 -26.60 24.63
N GLY A 304 15.64 -25.44 24.44
CA GLY A 304 16.73 -25.26 23.47
C GLY A 304 18.11 -25.17 24.13
N THR A 305 19.09 -24.80 23.32
CA THR A 305 20.49 -24.60 23.73
C THR A 305 20.97 -23.24 23.23
N ASP A 306 20.12 -22.49 22.55
CA ASP A 306 20.49 -21.20 21.92
C ASP A 306 21.14 -20.28 22.96
N THR A 307 22.20 -19.56 22.56
CA THR A 307 22.79 -18.48 23.37
C THR A 307 21.79 -17.31 23.40
N ASP A 308 21.63 -16.73 24.59
CA ASP A 308 20.82 -15.51 24.81
C ASP A 308 21.77 -14.31 24.93
N TYR A 309 21.40 -13.20 24.30
CA TYR A 309 22.15 -11.92 24.34
C TYR A 309 21.27 -10.86 25.00
N ASP A 310 21.89 -9.71 25.30
CA ASP A 310 21.29 -8.57 26.04
C ASP A 310 19.88 -8.27 25.51
N ASN A 311 19.68 -8.28 24.19
CA ASN A 311 18.41 -7.78 23.60
C ASN A 311 17.66 -8.87 22.83
N THR A 312 18.05 -10.14 22.96
CA THR A 312 17.33 -11.25 22.28
C THR A 312 16.09 -11.65 23.07
N ASP A 313 15.79 -10.99 24.18
CA ASP A 313 14.50 -11.12 24.90
C ASP A 313 13.44 -10.17 24.32
N LYS A 314 13.83 -9.35 23.36
CA LYS A 314 12.94 -8.30 22.77
C LYS A 314 12.78 -8.57 21.28
N VAL A 315 11.55 -8.46 20.79
CA VAL A 315 11.27 -8.62 19.34
C VAL A 315 10.79 -7.29 18.76
N MET A 316 9.61 -6.83 19.14
CA MET A 316 9.08 -5.53 18.65
C MET A 316 8.05 -4.96 19.62
N ARG A 317 7.66 -3.71 19.40
CA ARG A 317 6.59 -3.06 20.19
C ARG A 317 5.38 -2.70 19.32
N PHE A 318 4.20 -2.91 19.89
CA PHE A 318 2.91 -2.42 19.36
C PHE A 318 2.42 -1.28 20.24
N VAL A 319 2.24 -0.11 19.64
CA VAL A 319 1.65 1.07 20.33
C VAL A 319 0.15 1.10 20.03
N VAL A 320 -0.68 0.92 21.03
CA VAL A 320 -2.15 0.76 20.86
C VAL A 320 -2.86 2.13 21.04
N ALA A 321 -3.58 2.58 20.02
CA ALA A 321 -4.44 3.78 20.06
C ALA A 321 -5.55 3.59 21.11
N ASP A 322 -6.22 4.69 21.48
CA ASP A 322 -7.33 4.69 22.47
C ASP A 322 -8.60 4.12 21.83
N ASP A 323 -8.76 4.19 20.51
CA ASP A 323 -10.01 3.73 19.85
C ASP A 323 -9.68 3.27 18.43
N THR A 324 -10.64 2.55 17.84
CA THR A 324 -10.63 2.16 16.42
C THR A 324 -11.26 3.31 15.61
N THR A 325 -10.82 3.45 14.36
CA THR A 325 -11.39 4.37 13.35
C THR A 325 -12.53 3.68 12.59
N GLN A 326 -12.59 2.34 12.59
CA GLN A 326 -13.63 1.51 11.92
C GLN A 326 -13.98 0.33 12.83
N PRO A 327 -15.23 -0.14 12.84
CA PRO A 327 -15.61 -1.30 13.66
C PRO A 327 -14.68 -2.50 13.40
N ASP A 328 -14.43 -3.29 14.45
CA ASP A 328 -13.77 -4.61 14.29
C ASP A 328 -14.86 -5.61 13.91
N THR A 329 -14.88 -6.00 12.65
CA THR A 329 -15.89 -6.92 12.08
C THR A 329 -15.28 -8.32 11.97
N SER A 330 -14.12 -8.55 12.59
CA SER A 330 -13.38 -9.85 12.49
C SER A 330 -13.83 -10.74 13.64
N VAL A 331 -13.71 -12.05 13.47
CA VAL A 331 -13.94 -12.99 14.59
C VAL A 331 -12.96 -14.15 14.48
N VAL A 332 -12.76 -14.83 15.60
CA VAL A 332 -12.05 -16.13 15.66
C VAL A 332 -13.08 -17.19 16.05
N PRO A 333 -13.68 -17.89 15.08
CA PRO A 333 -14.62 -18.97 15.41
C PRO A 333 -13.98 -20.10 16.23
N ALA A 334 -14.76 -20.63 17.17
CA ALA A 334 -14.41 -21.79 18.01
C ALA A 334 -14.12 -22.99 17.11
N ASN A 335 -14.81 -23.12 15.98
CA ASN A 335 -14.61 -24.25 15.03
C ASN A 335 -14.05 -23.71 13.70
N LEU A 336 -12.79 -24.01 13.39
CA LEU A 336 -12.10 -23.41 12.22
C LEU A 336 -12.26 -24.34 11.03
N ARG A 337 -11.87 -25.60 11.15
CA ARG A 337 -12.03 -26.58 10.06
C ARG A 337 -11.91 -28.01 10.57
N ASP A 338 -12.39 -28.94 9.75
CA ASP A 338 -12.04 -30.37 9.87
C ASP A 338 -10.64 -30.54 9.28
N VAL A 339 -9.64 -30.76 10.12
CA VAL A 339 -8.25 -31.00 9.67
C VAL A 339 -8.22 -32.36 8.93
N PRO A 340 -7.65 -32.39 7.70
CA PRO A 340 -7.59 -33.62 6.90
C PRO A 340 -6.44 -34.51 7.36
N PHE A 341 -6.52 -34.98 8.60
CA PHE A 341 -5.50 -35.85 9.22
C PHE A 341 -5.30 -37.07 8.32
N PRO A 342 -4.08 -37.63 8.27
CA PRO A 342 -3.86 -38.87 7.53
C PRO A 342 -4.53 -40.02 8.29
N SER A 343 -4.74 -41.16 7.64
CA SER A 343 -5.20 -42.38 8.34
C SER A 343 -4.17 -42.75 9.41
N PRO A 344 -4.60 -43.18 10.63
CA PRO A 344 -3.66 -43.80 11.55
C PRO A 344 -3.00 -44.99 10.86
N THR A 345 -1.74 -45.27 11.19
CA THR A 345 -1.06 -46.51 10.73
C THR A 345 -0.65 -47.33 11.94
N THR A 346 -0.62 -48.65 11.74
CA THR A 346 -0.06 -49.66 12.68
C THR A 346 1.33 -50.08 12.21
N ASN A 347 1.81 -49.61 11.05
CA ASN A 347 3.19 -49.89 10.59
C ASN A 347 4.20 -49.42 11.66
N THR A 348 5.19 -50.27 11.97
CA THR A 348 6.29 -49.98 12.94
CA THR A 348 6.27 -49.98 12.94
C THR A 348 7.01 -48.72 12.49
N PRO A 349 7.18 -47.70 13.36
CA PRO A 349 7.79 -46.44 12.93
C PRO A 349 9.22 -46.65 12.42
N ARG A 350 9.61 -45.94 11.36
CA ARG A 350 11.03 -45.85 10.95
C ARG A 350 11.73 -44.96 11.97
N GLN A 351 13.00 -45.22 12.26
CA GLN A 351 13.82 -44.44 13.23
C GLN A 351 14.88 -43.63 12.47
N PHE A 352 14.98 -42.35 12.81
CA PHE A 352 16.00 -41.39 12.31
C PHE A 352 16.63 -40.69 13.49
N ARG A 353 17.93 -40.91 13.66
CA ARG A 353 18.72 -40.33 14.78
CA ARG A 353 18.73 -40.34 14.77
C ARG A 353 19.47 -39.11 14.25
N PHE A 354 19.25 -37.97 14.88
CA PHE A 354 19.82 -36.68 14.50
C PHE A 354 20.95 -36.37 15.46
N GLY A 355 22.19 -36.56 15.01
CA GLY A 355 23.36 -36.41 15.87
C GLY A 355 24.56 -35.96 15.07
N ARG A 356 25.75 -36.25 15.56
CA ARG A 356 27.01 -35.82 14.90
CA ARG A 356 27.00 -35.82 14.89
C ARG A 356 27.83 -37.07 14.58
N THR A 357 28.57 -37.05 13.50
CA THR A 357 29.49 -38.14 13.12
C THR A 357 30.82 -37.43 12.92
N GLY A 358 31.73 -37.64 13.86
CA GLY A 358 32.87 -36.73 14.01
C GLY A 358 32.32 -35.32 14.08
N PRO A 359 32.81 -34.40 13.25
CA PRO A 359 32.38 -33.00 13.29
C PRO A 359 31.16 -32.70 12.42
N THR A 360 30.64 -33.71 11.73
CA THR A 360 29.58 -33.50 10.72
C THR A 360 28.21 -33.83 11.36
N TRP A 361 27.22 -32.94 11.18
CA TRP A 361 25.80 -33.21 11.54
C TRP A 361 25.20 -34.25 10.55
N THR A 362 24.59 -35.31 11.08
CA THR A 362 24.23 -36.51 10.31
C THR A 362 22.84 -37.02 10.70
N ILE A 363 22.27 -37.83 9.83
CA ILE A 363 21.01 -38.56 10.04
C ILE A 363 21.35 -40.05 9.91
N ASN A 364 21.19 -40.81 10.97
CA ASN A 364 21.55 -42.24 10.99
C ASN A 364 23.01 -42.39 10.52
N GLY A 365 23.89 -41.50 10.93
CA GLY A 365 25.33 -41.56 10.60
C GLY A 365 25.65 -41.11 9.19
N VAL A 366 24.69 -40.53 8.47
CA VAL A 366 24.90 -40.21 7.03
C VAL A 366 24.78 -38.70 6.78
N ALA A 367 25.65 -38.23 5.87
CA ALA A 367 25.68 -36.86 5.31
C ALA A 367 25.02 -36.85 3.93
N PHE A 368 24.19 -35.83 3.69
CA PHE A 368 23.53 -35.62 2.39
C PHE A 368 24.54 -35.74 1.22
N ALA A 369 25.74 -35.18 1.34
CA ALA A 369 26.74 -35.19 0.23
C ALA A 369 27.07 -36.64 -0.16
N ASP A 370 26.85 -37.58 0.75
CA ASP A 370 27.17 -39.01 0.50
C ASP A 370 26.03 -39.66 -0.30
N VAL A 371 25.99 -39.41 -1.61
CA VAL A 371 24.97 -39.94 -2.56
C VAL A 371 24.68 -41.43 -2.32
N GLN A 372 25.72 -42.23 -2.23
CA GLN A 372 25.59 -43.69 -2.06
C GLN A 372 24.65 -44.05 -0.90
N ASN A 373 24.70 -43.28 0.20
CA ASN A 373 24.13 -43.72 1.49
C ASN A 373 22.92 -42.87 1.90
N ARG A 374 22.63 -41.79 1.18
CA ARG A 374 21.75 -40.70 1.70
C ARG A 374 20.27 -41.01 1.42
N LEU A 375 19.96 -41.99 0.57
CA LEU A 375 18.55 -42.40 0.33
CA LEU A 375 18.55 -42.40 0.33
C LEU A 375 18.15 -43.37 1.44
N LEU A 376 17.50 -42.88 2.51
CA LEU A 376 17.24 -43.63 3.77
C LEU A 376 15.85 -44.29 3.81
N ALA A 377 14.94 -44.01 2.90
CA ALA A 377 13.58 -44.58 2.93
C ALA A 377 13.00 -44.66 1.52
N ASN A 378 12.50 -45.84 1.15
CA ASN A 378 11.67 -46.05 -0.06
C ASN A 378 10.25 -46.27 0.44
N VAL A 379 9.32 -45.40 0.05
CA VAL A 379 7.91 -45.36 0.56
C VAL A 379 6.96 -45.40 -0.63
N PRO A 380 6.17 -46.46 -0.83
CA PRO A 380 5.21 -46.45 -1.94
C PRO A 380 4.21 -45.30 -1.78
N VAL A 381 4.01 -44.55 -2.85
CA VAL A 381 2.98 -43.47 -2.88
C VAL A 381 1.67 -44.04 -2.36
N GLY A 382 1.04 -43.35 -1.41
CA GLY A 382 -0.28 -43.69 -0.87
C GLY A 382 -0.17 -44.33 0.50
N THR A 383 1.01 -44.83 0.84
CA THR A 383 1.34 -45.42 2.15
C THR A 383 1.27 -44.33 3.24
N VAL A 384 0.80 -44.68 4.44
CA VAL A 384 0.99 -43.83 5.66
C VAL A 384 2.15 -44.43 6.44
N GLU A 385 3.10 -43.60 6.86
CA GLU A 385 4.20 -44.01 7.76
C GLU A 385 4.29 -43.06 8.95
N ARG A 386 4.58 -43.66 10.10
CA ARG A 386 5.13 -43.00 11.29
C ARG A 386 6.65 -43.01 11.22
N TRP A 387 7.25 -41.83 11.34
CA TRP A 387 8.71 -41.63 11.52
C TRP A 387 8.97 -41.21 12.97
N GLU A 388 9.81 -41.95 13.66
CA GLU A 388 10.29 -41.61 15.02
C GLU A 388 11.57 -40.82 14.81
N LEU A 389 11.50 -39.54 15.15
CA LEU A 389 12.57 -38.54 14.98
C LEU A 389 13.27 -38.34 16.33
N ILE A 390 14.55 -38.74 16.42
CA ILE A 390 15.26 -38.89 17.72
C ILE A 390 16.39 -37.87 17.81
N ASN A 391 16.32 -36.99 18.81
CA ASN A 391 17.47 -36.17 19.24
C ASN A 391 17.98 -36.81 20.54
N ALA A 392 19.06 -37.58 20.50
CA ALA A 392 19.59 -38.25 21.72
C ALA A 392 20.47 -37.27 22.51
N GLY A 393 20.97 -36.22 21.85
CA GLY A 393 21.85 -35.20 22.46
C GLY A 393 21.12 -34.21 23.37
N ASN A 394 21.85 -33.74 24.38
CA ASN A 394 21.41 -32.69 25.30
C ASN A 394 22.02 -31.34 24.90
N GLY A 395 22.96 -31.33 23.98
CA GLY A 395 23.78 -30.14 23.71
C GLY A 395 23.33 -29.39 22.48
N PHE A 396 22.32 -29.89 21.77
CA PHE A 396 21.82 -29.26 20.51
CA PHE A 396 21.81 -29.24 20.53
C PHE A 396 20.34 -29.61 20.32
N THR A 397 19.62 -28.84 19.49
CA THR A 397 18.21 -29.14 19.06
C THR A 397 18.05 -29.06 17.54
N HIS A 398 16.98 -29.68 17.03
CA HIS A 398 16.79 -29.94 15.58
C HIS A 398 15.34 -29.77 15.22
N PRO A 399 14.93 -28.67 14.55
CA PRO A 399 13.65 -28.60 13.89
C PRO A 399 13.73 -29.41 12.59
N ILE A 400 13.02 -30.54 12.57
CA ILE A 400 13.05 -31.53 11.47
C ILE A 400 11.91 -31.25 10.49
N HIS A 401 12.29 -31.17 9.22
CA HIS A 401 11.36 -30.85 8.13
C HIS A 401 11.37 -32.01 7.16
N ILE A 402 10.19 -32.41 6.71
CA ILE A 402 10.02 -33.44 5.66
C ILE A 402 9.32 -32.78 4.47
N HIS A 403 9.97 -32.79 3.30
CA HIS A 403 9.37 -32.28 2.03
C HIS A 403 8.18 -33.15 1.63
N LEU A 404 7.42 -32.67 0.66
CA LEU A 404 6.22 -33.28 0.03
C LEU A 404 5.02 -33.25 1.00
N VAL A 405 5.20 -33.79 2.21
CA VAL A 405 4.07 -34.19 3.10
C VAL A 405 3.67 -33.08 4.08
N ASP A 406 2.45 -33.24 4.58
CA ASP A 406 1.94 -32.68 5.84
C ASP A 406 1.88 -33.85 6.82
N PHE A 407 2.23 -33.63 8.09
CA PHE A 407 2.18 -34.70 9.11
C PHE A 407 1.42 -34.24 10.35
N LYS A 408 0.93 -35.26 11.04
CA LYS A 408 0.38 -35.14 12.40
C LYS A 408 1.48 -35.48 13.42
N VAL A 409 1.64 -34.61 14.42
CA VAL A 409 2.51 -34.85 15.60
C VAL A 409 1.78 -35.83 16.52
N ILE A 410 2.29 -37.05 16.64
CA ILE A 410 1.63 -38.15 17.39
C ILE A 410 2.08 -38.07 18.85
N SER A 411 3.35 -37.85 19.09
CA SER A 411 3.97 -37.97 20.44
C SER A 411 5.27 -37.19 20.51
N ARG A 412 5.55 -36.68 21.71
CA ARG A 412 6.88 -36.16 22.08
C ARG A 412 7.24 -36.74 23.44
N THR A 413 8.43 -37.29 23.55
CA THR A 413 9.08 -37.63 24.85
C THR A 413 10.31 -36.73 25.00
N SER A 414 10.61 -36.38 26.24
CA SER A 414 11.76 -35.55 26.61
C SER A 414 12.57 -36.30 27.66
N GLY A 415 13.87 -36.50 27.40
CA GLY A 415 14.80 -37.08 28.39
C GLY A 415 15.04 -36.12 29.55
N ASN A 416 14.53 -34.89 29.46
CA ASN A 416 14.58 -33.87 30.55
C ASN A 416 13.15 -33.70 31.11
N ASN A 417 12.20 -34.53 30.67
CA ASN A 417 10.82 -34.51 31.21
C ASN A 417 10.26 -33.08 31.07
N ALA A 418 10.53 -32.40 29.96
CA ALA A 418 10.29 -30.95 29.83
C ALA A 418 8.90 -30.69 29.27
N ARG A 419 8.39 -31.52 28.38
CA ARG A 419 7.14 -31.24 27.64
C ARG A 419 6.72 -32.44 26.80
N THR A 420 5.47 -32.46 26.35
CA THR A 420 4.97 -33.47 25.38
C THR A 420 4.48 -32.67 24.17
N VAL A 421 3.36 -33.03 23.57
CA VAL A 421 2.86 -32.35 22.35
C VAL A 421 2.18 -31.03 22.77
N MET A 422 2.42 -29.93 22.07
CA MET A 422 1.84 -28.62 22.43
C MET A 422 0.44 -28.53 21.83
N PRO A 423 -0.48 -27.77 22.47
CA PRO A 423 -1.82 -27.58 21.91
C PRO A 423 -1.85 -27.08 20.46
N TYR A 424 -0.88 -26.24 20.08
CA TYR A 424 -0.80 -25.65 18.71
C TYR A 424 -0.13 -26.64 17.76
N GLU A 425 0.26 -27.82 18.26
CA GLU A 425 0.73 -28.95 17.40
C GLU A 425 -0.41 -29.97 17.20
N SER A 426 -1.67 -29.60 17.44
CA SER A 426 -2.85 -30.50 17.32
C SER A 426 -3.26 -30.76 15.87
N GLY A 427 -2.82 -29.92 14.93
CA GLY A 427 -3.26 -29.95 13.53
C GLY A 427 -2.25 -30.63 12.62
N LEU A 428 -1.96 -30.02 11.48
CA LEU A 428 -0.96 -30.57 10.54
C LEU A 428 0.21 -29.61 10.43
N LYS A 429 1.40 -30.19 10.32
CA LYS A 429 2.68 -29.46 10.26
C LYS A 429 3.61 -30.08 9.22
N ASP A 430 4.73 -29.43 8.93
CA ASP A 430 5.79 -29.99 8.06
C ASP A 430 7.18 -29.79 8.69
N VAL A 431 7.27 -29.10 9.82
CA VAL A 431 8.46 -28.96 10.67
C VAL A 431 8.05 -29.33 12.09
N VAL A 432 8.88 -30.05 12.83
CA VAL A 432 8.62 -30.24 14.29
C VAL A 432 9.95 -30.14 15.04
N TRP A 433 9.93 -29.46 16.19
CA TRP A 433 11.14 -29.16 16.99
C TRP A 433 11.45 -30.31 17.96
N LEU A 434 12.60 -30.95 17.73
CA LEU A 434 13.24 -31.88 18.69
C LEU A 434 14.10 -31.02 19.63
N GLY A 435 13.52 -30.62 20.76
CA GLY A 435 14.25 -29.94 21.83
C GLY A 435 15.28 -30.88 22.45
N ARG A 436 15.96 -30.41 23.50
CA ARG A 436 16.96 -31.22 24.22
C ARG A 436 16.38 -32.62 24.50
N ARG A 437 17.10 -33.64 24.05
CA ARG A 437 16.79 -35.07 24.33
C ARG A 437 15.34 -35.40 23.95
N GLU A 438 14.81 -34.82 22.87
CA GLU A 438 13.38 -35.05 22.52
C GLU A 438 13.31 -36.06 21.37
N THR A 439 12.32 -36.94 21.45
CA THR A 439 11.94 -37.88 20.37
C THR A 439 10.51 -37.55 19.98
N VAL A 440 10.25 -37.31 18.70
CA VAL A 440 8.88 -37.01 18.21
C VAL A 440 8.51 -38.06 17.16
N VAL A 441 7.32 -38.64 17.32
CA VAL A 441 6.76 -39.48 16.24
C VAL A 441 5.81 -38.61 15.44
N VAL A 442 6.01 -38.56 14.12
CA VAL A 442 5.07 -37.90 13.19
C VAL A 442 4.44 -38.98 12.30
N GLU A 443 3.26 -38.69 11.78
CA GLU A 443 2.47 -39.59 10.92
C GLU A 443 2.12 -38.85 9.64
N ALA A 444 2.51 -39.38 8.50
CA ALA A 444 2.28 -38.70 7.21
C ALA A 444 1.75 -39.69 6.14
N HIS A 445 0.87 -39.16 5.30
CA HIS A 445 0.47 -39.78 4.00
C HIS A 445 1.49 -39.40 2.92
N TYR A 446 2.29 -40.34 2.42
CA TYR A 446 3.34 -40.09 1.39
C TYR A 446 2.63 -40.09 0.04
N ALA A 447 2.04 -38.93 -0.27
CA ALA A 447 1.06 -38.75 -1.37
C ALA A 447 0.91 -37.26 -1.69
N PRO A 448 0.44 -36.90 -2.92
CA PRO A 448 0.07 -37.86 -3.95
C PRO A 448 1.04 -38.11 -5.12
N PHE A 449 2.25 -37.55 -5.06
CA PHE A 449 3.21 -37.51 -6.19
C PHE A 449 4.43 -38.38 -5.90
N PRO A 450 4.85 -39.29 -6.81
CA PRO A 450 6.11 -40.00 -6.66
C PRO A 450 7.29 -39.06 -6.94
N GLY A 451 8.40 -39.32 -6.25
CA GLY A 451 9.67 -38.66 -6.58
C GLY A 451 10.59 -38.69 -5.38
N VAL A 452 11.80 -38.20 -5.60
CA VAL A 452 12.89 -38.17 -4.61
C VAL A 452 12.83 -36.78 -3.98
N TYR A 453 12.73 -36.76 -2.67
CA TYR A 453 12.48 -35.56 -1.86
C TYR A 453 13.47 -35.53 -0.69
N MET A 454 13.72 -34.36 -0.12
CA MET A 454 14.65 -34.18 1.01
C MET A 454 13.88 -34.22 2.33
N PHE A 455 14.60 -34.57 3.40
CA PHE A 455 14.19 -34.33 4.80
C PHE A 455 15.47 -34.02 5.57
N HIS A 456 15.35 -33.21 6.60
CA HIS A 456 16.55 -32.61 7.23
C HIS A 456 16.16 -31.79 8.45
N CYS A 457 17.19 -31.46 9.20
CA CYS A 457 17.15 -30.40 10.21
C CYS A 457 17.12 -29.04 9.48
N HIS A 458 16.29 -28.08 9.94
CA HIS A 458 16.18 -26.72 9.38
C HIS A 458 16.96 -25.68 10.19
N ASN A 459 17.77 -26.09 11.18
CA ASN A 459 18.94 -25.28 11.59
C ASN A 459 19.87 -25.25 10.38
N LEU A 460 20.00 -24.11 9.71
CA LEU A 460 20.63 -24.11 8.36
C LEU A 460 22.12 -24.44 8.50
N ILE A 461 22.73 -24.20 9.66
CA ILE A 461 24.15 -24.57 9.89
C ILE A 461 24.23 -26.09 9.92
N HIS A 462 23.31 -26.75 10.61
CA HIS A 462 23.32 -28.24 10.68
C HIS A 462 23.05 -28.80 9.30
N GLU A 463 22.02 -28.28 8.63
CA GLU A 463 21.61 -28.72 7.27
C GLU A 463 22.81 -28.67 6.30
N ASP A 464 23.56 -27.57 6.31
CA ASP A 464 24.70 -27.34 5.39
C ASP A 464 25.85 -28.32 5.69
N HIS A 465 26.01 -28.83 6.91
CA HIS A 465 27.20 -29.63 7.31
CA HIS A 465 27.19 -29.69 7.24
C HIS A 465 26.83 -30.78 8.25
N ASP A 466 25.93 -31.70 7.88
CA ASP A 466 25.33 -31.91 6.58
C ASP A 466 24.05 -32.74 6.80
N MET A 467 23.16 -32.24 7.65
CA MET A 467 22.14 -33.07 8.36
C MET A 467 20.89 -33.15 7.50
N MET A 468 20.98 -33.94 6.44
CA MET A 468 19.97 -33.96 5.37
C MET A 468 20.11 -35.28 4.64
N ALA A 469 18.99 -35.86 4.24
CA ALA A 469 18.89 -37.14 3.53
C ALA A 469 17.71 -37.03 2.57
N ALA A 470 17.38 -38.14 1.94
CA ALA A 470 16.35 -38.19 0.90
C ALA A 470 15.50 -39.41 1.15
N PHE A 471 14.23 -39.33 0.75
CA PHE A 471 13.34 -40.52 0.60
C PHE A 471 12.85 -40.52 -0.83
N ASN A 472 12.41 -41.69 -1.28
CA ASN A 472 11.85 -41.92 -2.62
C ASN A 472 10.41 -42.37 -2.44
N ALA A 473 9.47 -41.51 -2.79
CA ALA A 473 8.04 -41.86 -2.87
C ALA A 473 7.84 -42.60 -4.20
N THR A 474 7.74 -43.92 -4.16
CA THR A 474 7.92 -44.83 -5.31
C THR A 474 6.58 -45.25 -5.93
N VAL A 475 6.60 -45.54 -7.22
CA VAL A 475 5.44 -46.12 -7.95
C VAL A 475 5.92 -47.32 -8.78
N LEU A 476 4.97 -48.23 -9.03
CA LEU A 476 5.13 -49.39 -9.94
C LEU A 476 5.16 -48.89 -11.37
N PRO A 477 5.80 -49.60 -12.32
CA PRO A 477 5.98 -49.09 -13.69
C PRO A 477 4.68 -48.83 -14.48
N ASP A 478 3.53 -49.32 -14.01
CA ASP A 478 2.22 -49.11 -14.69
C ASP A 478 1.47 -47.87 -14.17
N TYR A 479 2.09 -46.99 -13.36
CA TYR A 479 1.39 -45.92 -12.60
C TYR A 479 0.83 -44.79 -13.51
N GLY A 480 1.61 -44.35 -14.49
CA GLY A 480 1.13 -43.31 -15.42
C GLY A 480 1.52 -41.90 -14.97
N TYR A 481 0.71 -40.90 -15.31
CA TYR A 481 0.90 -39.51 -14.89
C TYR A 481 2.30 -38.99 -15.26
N ASN A 482 2.85 -39.49 -16.37
CA ASN A 482 4.22 -39.11 -16.83
C ASN A 482 5.24 -39.23 -15.69
N ALA A 483 5.07 -40.19 -14.77
CA ALA A 483 5.94 -40.29 -13.58
C ALA A 483 7.40 -40.35 -14.04
N THR A 484 7.66 -40.93 -15.20
CA THR A 484 9.05 -41.15 -15.66
CA THR A 484 9.04 -41.15 -15.71
C THR A 484 9.77 -39.80 -15.82
N VAL A 485 9.08 -38.70 -16.11
CA VAL A 485 9.78 -37.37 -16.23
C VAL A 485 9.60 -36.51 -14.96
N PHE A 486 8.96 -37.00 -13.90
CA PHE A 486 8.66 -36.16 -12.72
C PHE A 486 9.28 -36.72 -11.44
N VAL A 487 9.86 -37.93 -11.43
CA VAL A 487 10.37 -38.56 -10.16
C VAL A 487 11.78 -38.07 -9.86
N ASP A 488 12.56 -37.75 -10.90
CA ASP A 488 13.99 -37.39 -10.80
C ASP A 488 14.14 -35.87 -10.66
N PRO A 489 14.56 -35.31 -9.51
CA PRO A 489 14.73 -33.87 -9.38
C PRO A 489 15.71 -33.27 -10.40
N MET A 490 16.64 -34.07 -10.97
CA MET A 490 17.71 -33.57 -11.89
C MET A 490 17.31 -33.78 -13.36
N GLU A 491 16.06 -34.16 -13.62
CA GLU A 491 15.51 -34.41 -14.99
C GLU A 491 15.89 -33.24 -15.90
N GLU A 492 16.51 -33.55 -17.05
CA GLU A 492 17.05 -32.53 -17.99
C GLU A 492 15.96 -31.56 -18.41
N LEU A 493 14.74 -32.05 -18.65
CA LEU A 493 13.60 -31.20 -19.11
C LEU A 493 13.47 -29.93 -18.26
N TRP A 494 13.66 -30.04 -16.93
CA TRP A 494 13.28 -28.98 -15.95
C TRP A 494 14.51 -28.21 -15.45
N GLN A 495 15.69 -28.42 -16.04
CA GLN A 495 16.95 -27.82 -15.53
C GLN A 495 17.00 -26.35 -15.90
N ALA A 496 17.81 -25.61 -15.16
CA ALA A 496 18.05 -24.16 -15.36
C ALA A 496 18.59 -23.96 -16.78
N ARG A 497 18.43 -22.74 -17.29
CA ARG A 497 18.87 -22.36 -18.66
C ARG A 497 19.57 -21.02 -18.59
N PRO A 498 20.63 -20.83 -19.41
CA PRO A 498 21.30 -19.54 -19.49
C PRO A 498 20.42 -18.46 -20.13
N TYR A 499 20.71 -17.22 -19.77
CA TYR A 499 20.05 -16.01 -20.30
C TYR A 499 21.14 -14.94 -20.48
N GLU A 500 20.84 -13.95 -21.32
CA GLU A 500 21.62 -12.70 -21.49
C GLU A 500 20.86 -11.59 -20.77
N LEU A 501 21.57 -10.77 -20.00
CA LEU A 501 20.93 -9.74 -19.14
C LEU A 501 20.09 -8.81 -20.03
N GLY A 502 20.61 -8.47 -21.21
CA GLY A 502 19.95 -7.59 -22.19
C GLY A 502 18.53 -8.04 -22.52
N GLU A 503 18.38 -9.31 -22.88
CA GLU A 503 17.05 -9.93 -23.20
C GLU A 503 16.14 -9.82 -21.98
N PHE A 504 16.67 -10.07 -20.78
CA PHE A 504 15.88 -9.96 -19.53
C PHE A 504 15.36 -8.53 -19.40
N GLN A 505 16.26 -7.55 -19.48
CA GLN A 505 15.96 -6.10 -19.35
C GLN A 505 15.01 -5.64 -20.47
N ALA A 506 15.17 -6.15 -21.70
CA ALA A 506 14.35 -5.73 -22.88
C ALA A 506 13.04 -6.54 -22.95
N GLN A 507 12.95 -7.62 -22.17
CA GLN A 507 11.81 -8.59 -22.16
C GLN A 507 11.65 -9.11 -23.60
N SER A 508 12.78 -9.47 -24.20
CA SER A 508 12.92 -9.92 -25.60
C SER A 508 13.49 -11.33 -25.54
N GLY A 509 13.66 -11.99 -26.69
CA GLY A 509 14.23 -13.35 -26.78
C GLY A 509 13.37 -14.36 -26.04
N GLN A 510 14.00 -15.17 -25.20
CA GLN A 510 13.28 -16.19 -24.41
C GLN A 510 12.47 -15.53 -23.29
N PHE A 511 12.52 -14.20 -23.14
CA PHE A 511 11.64 -13.40 -22.24
C PHE A 511 10.50 -12.74 -22.98
N SER A 512 10.39 -12.97 -24.28
CA SER A 512 9.27 -12.40 -25.07
C SER A 512 7.97 -13.07 -24.62
N VAL A 513 6.83 -12.40 -24.81
CA VAL A 513 5.52 -12.99 -24.47
C VAL A 513 5.35 -14.31 -25.22
N GLN A 514 5.79 -14.33 -26.48
CA GLN A 514 5.68 -15.52 -27.33
C GLN A 514 6.52 -16.65 -26.74
N ALA A 515 7.77 -16.39 -26.36
CA ALA A 515 8.70 -17.44 -25.90
C ALA A 515 8.16 -18.00 -24.57
N VAL A 516 7.77 -17.12 -23.65
CA VAL A 516 7.26 -17.53 -22.31
C VAL A 516 5.99 -18.36 -22.52
N THR A 517 5.10 -17.89 -23.40
CA THR A 517 3.79 -18.55 -23.66
C THR A 517 4.05 -19.99 -24.16
N GLU A 518 4.94 -20.15 -25.13
CA GLU A 518 5.27 -21.47 -25.70
C GLU A 518 5.95 -22.33 -24.63
N ARG A 519 6.85 -21.77 -23.84
CA ARG A 519 7.57 -22.58 -22.81
C ARG A 519 6.54 -23.13 -21.80
N ILE A 520 5.66 -22.27 -21.28
CA ILE A 520 4.69 -22.67 -20.21
C ILE A 520 3.68 -23.65 -20.78
N GLN A 521 3.18 -23.42 -22.00
CA GLN A 521 2.17 -24.32 -22.61
C GLN A 521 2.81 -25.71 -22.79
N THR A 522 4.10 -25.77 -23.16
CA THR A 522 4.84 -27.04 -23.33
C THR A 522 4.98 -27.76 -21.98
N MET A 523 5.37 -27.03 -20.93
CA MET A 523 5.48 -27.56 -19.56
C MET A 523 4.11 -28.10 -19.14
N ALA A 524 3.05 -27.32 -19.35
CA ALA A 524 1.69 -27.67 -18.87
C ALA A 524 1.22 -28.96 -19.57
N GLU A 525 1.66 -29.25 -20.80
CA GLU A 525 1.19 -30.46 -21.54
C GLU A 525 1.60 -31.74 -20.82
N TYR A 526 2.65 -31.69 -19.98
CA TYR A 526 3.17 -32.88 -19.25
C TYR A 526 2.27 -33.20 -18.04
N ARG A 527 1.39 -32.26 -17.65
CA ARG A 527 0.35 -32.47 -16.60
CA ARG A 527 0.35 -32.47 -16.60
C ARG A 527 1.00 -32.87 -15.28
N PRO A 528 1.87 -32.01 -14.70
CA PRO A 528 2.64 -32.36 -13.51
C PRO A 528 1.81 -32.67 -12.26
N TYR A 529 0.64 -32.05 -12.10
CA TYR A 529 -0.14 -32.09 -10.83
C TYR A 529 -1.49 -32.83 -10.99
N ALA A 530 -1.71 -33.56 -12.08
CA ALA A 530 -3.00 -34.23 -12.44
C ALA A 530 -3.39 -35.24 -11.36
N ALA A 531 -2.41 -35.92 -10.75
CA ALA A 531 -2.68 -36.94 -9.71
C ALA A 531 -3.35 -36.32 -8.50
N ALA A 532 -3.29 -35.01 -8.31
CA ALA A 532 -3.96 -34.36 -7.15
C ALA A 532 -5.37 -33.86 -7.50
N ASP A 533 -5.89 -34.08 -8.72
CA ASP A 533 -7.22 -33.55 -9.15
C ASP A 533 -8.35 -34.19 -8.33
N GLU A 534 -9.48 -33.51 -8.14
CA GLU A 534 -10.60 -34.03 -7.30
C GLU A 534 -11.97 -33.66 -7.91
N VAL B 1 4.15 26.89 -29.35
CA VAL B 1 5.38 27.77 -29.38
C VAL B 1 6.50 27.02 -28.63
N ALA B 2 7.75 27.43 -28.83
CA ALA B 2 8.93 26.67 -28.36
C ALA B 2 8.81 26.50 -26.85
N GLN B 3 9.10 25.30 -26.36
CA GLN B 3 9.27 25.05 -24.91
C GLN B 3 10.42 25.92 -24.38
N ILE B 4 10.24 26.52 -23.19
CA ILE B 4 11.26 27.38 -22.54
C ILE B 4 12.03 26.53 -21.52
N SER B 5 11.32 25.67 -20.77
CA SER B 5 11.90 24.76 -19.75
C SER B 5 12.85 23.81 -20.44
N PRO B 6 13.90 23.32 -19.75
CA PRO B 6 14.84 22.38 -20.36
C PRO B 6 14.11 21.13 -20.89
N GLN B 7 14.67 20.46 -21.90
CA GLN B 7 14.15 19.17 -22.43
C GLN B 7 14.10 18.17 -21.28
N TYR B 8 12.97 17.47 -21.15
CA TYR B 8 12.70 16.49 -20.06
C TYR B 8 12.62 15.09 -20.68
N PRO B 9 13.11 14.04 -19.96
CA PRO B 9 12.99 12.64 -20.41
C PRO B 9 11.55 12.06 -20.31
N MET B 10 10.77 12.27 -21.37
CA MET B 10 9.30 12.12 -21.39
C MET B 10 8.91 10.67 -21.15
N PHE B 11 7.94 10.42 -20.26
CA PHE B 11 7.34 9.08 -20.04
C PHE B 11 8.35 8.05 -19.53
N THR B 12 9.27 8.44 -18.65
CA THR B 12 10.34 7.56 -18.15
C THR B 12 10.16 7.28 -16.65
N VAL B 13 9.43 8.12 -15.94
CA VAL B 13 9.24 7.99 -14.47
C VAL B 13 7.81 7.53 -14.19
N PRO B 14 7.64 6.51 -13.31
CA PRO B 14 6.31 6.02 -12.96
C PRO B 14 5.47 7.10 -12.26
N LEU B 15 4.16 7.10 -12.51
CA LEU B 15 3.20 8.01 -11.85
C LEU B 15 3.27 7.83 -10.34
N PRO B 16 3.63 8.88 -9.58
CA PRO B 16 3.60 8.79 -8.13
C PRO B 16 2.16 8.77 -7.62
N ILE B 17 1.94 8.11 -6.50
CA ILE B 17 0.65 8.07 -5.76
C ILE B 17 0.90 8.69 -4.40
N PRO B 18 0.30 9.86 -4.11
CA PRO B 18 0.43 10.42 -2.77
C PRO B 18 -0.01 9.41 -1.70
N PRO B 19 0.74 9.31 -0.59
CA PRO B 19 0.38 8.37 0.47
C PRO B 19 -0.88 8.88 1.19
N VAL B 20 -1.60 7.96 1.81
CA VAL B 20 -2.82 8.27 2.61
C VAL B 20 -2.36 8.85 3.93
N LYS B 21 -2.90 10.01 4.30
CA LYS B 21 -2.64 10.66 5.61
C LYS B 21 -3.41 9.90 6.69
N GLN B 22 -2.68 9.46 7.73
CA GLN B 22 -3.24 8.79 8.92
C GLN B 22 -3.48 9.84 10.00
N PRO B 23 -4.62 9.75 10.71
CA PRO B 23 -4.84 10.61 11.88
C PRO B 23 -3.85 10.23 12.99
N ARG B 24 -3.48 11.18 13.84
CA ARG B 24 -2.59 10.94 15.00
C ARG B 24 -3.43 10.36 16.14
N LEU B 25 -4.64 10.88 16.38
CA LEU B 25 -5.51 10.58 17.55
C LEU B 25 -6.97 10.59 17.10
N THR B 26 -7.84 10.00 17.92
CA THR B 26 -9.28 10.28 17.89
C THR B 26 -9.65 10.89 19.22
N VAL B 27 -10.59 11.83 19.21
CA VAL B 27 -11.10 12.52 20.42
C VAL B 27 -12.62 12.31 20.46
N THR B 28 -13.14 11.91 21.62
CA THR B 28 -14.59 11.70 21.81
C THR B 28 -15.26 13.08 21.87
N ASN B 29 -16.22 13.31 20.97
CA ASN B 29 -17.11 14.47 21.03
C ASN B 29 -18.00 14.29 22.27
N PRO B 30 -17.94 15.18 23.28
CA PRO B 30 -18.78 15.00 24.47
C PRO B 30 -20.27 15.28 24.20
N VAL B 31 -20.61 15.89 23.06
CA VAL B 31 -22.03 16.15 22.66
C VAL B 31 -22.75 14.84 22.29
N ASN B 32 -22.09 13.95 21.54
CA ASN B 32 -22.78 12.82 20.87
C ASN B 32 -21.99 11.52 21.07
N GLY B 33 -20.86 11.55 21.78
CA GLY B 33 -20.01 10.37 22.05
C GLY B 33 -19.29 9.86 20.82
N GLN B 34 -19.23 10.61 19.71
CA GLN B 34 -18.60 10.07 18.46
C GLN B 34 -17.15 10.55 18.37
N GLU B 35 -16.32 9.73 17.76
CA GLU B 35 -14.88 10.05 17.57
C GLU B 35 -14.74 11.14 16.51
N ILE B 36 -13.95 12.16 16.84
CA ILE B 36 -13.37 13.13 15.88
C ILE B 36 -11.96 12.67 15.56
N TRP B 37 -11.64 12.49 14.28
CA TRP B 37 -10.26 12.16 13.84
C TRP B 37 -9.42 13.44 13.83
N TYR B 38 -8.29 13.40 14.54
CA TYR B 38 -7.33 14.51 14.67
C TYR B 38 -6.06 14.19 13.89
N TYR B 39 -5.66 15.14 13.06
CA TYR B 39 -4.47 15.05 12.19
C TYR B 39 -3.55 16.25 12.46
N GLU B 40 -2.27 16.09 12.16
CA GLU B 40 -1.26 17.19 12.17
C GLU B 40 -0.52 17.22 10.82
N VAL B 41 -0.42 18.39 10.22
CA VAL B 41 0.22 18.60 8.89
C VAL B 41 1.21 19.76 9.06
N GLU B 42 2.48 19.50 8.77
CA GLU B 42 3.56 20.50 8.92
C GLU B 42 3.87 21.10 7.54
N ILE B 43 3.55 22.38 7.36
CA ILE B 43 3.93 23.09 6.12
C ILE B 43 5.43 23.38 6.22
N LYS B 44 6.26 22.86 5.31
CA LYS B 44 7.73 23.08 5.41
C LYS B 44 8.41 23.05 4.04
N PRO B 45 9.54 23.76 3.90
CA PRO B 45 10.33 23.68 2.66
C PRO B 45 10.99 22.31 2.49
N PHE B 46 11.25 21.95 1.24
CA PHE B 46 12.03 20.77 0.84
C PHE B 46 12.52 21.00 -0.59
N THR B 47 13.35 20.10 -1.09
CA THR B 47 13.83 20.14 -2.49
C THR B 47 13.40 18.84 -3.15
N HIS B 48 13.21 18.86 -4.46
CA HIS B 48 12.93 17.65 -5.25
C HIS B 48 13.69 17.73 -6.55
N GLN B 49 14.39 16.63 -6.89
CA GLN B 49 15.13 16.45 -8.15
C GLN B 49 14.09 16.14 -9.22
N VAL B 50 13.53 17.16 -9.85
CA VAL B 50 12.54 17.00 -10.95
C VAL B 50 13.30 16.54 -12.20
N TYR B 51 14.38 17.20 -12.57
CA TYR B 51 15.17 16.85 -13.77
C TYR B 51 16.35 16.00 -13.29
N PRO B 52 16.53 14.77 -13.82
CA PRO B 52 17.59 13.88 -13.37
C PRO B 52 19.02 14.47 -13.45
N ASP B 53 19.32 15.24 -14.50
CA ASP B 53 20.71 15.65 -14.80
C ASP B 53 20.97 17.11 -14.40
N LEU B 54 20.05 17.77 -13.70
CA LEU B 54 20.19 19.21 -13.35
C LEU B 54 20.18 19.36 -11.82
N GLY B 55 20.05 20.59 -11.34
CA GLY B 55 19.82 20.89 -9.92
C GLY B 55 18.42 20.48 -9.49
N SER B 56 18.09 20.79 -8.24
CA SER B 56 16.76 20.48 -7.65
CA SER B 56 16.78 20.48 -7.64
C SER B 56 15.87 21.72 -7.66
N ALA B 57 14.58 21.51 -7.43
CA ALA B 57 13.59 22.59 -7.31
C ALA B 57 13.24 22.79 -5.83
N ASP B 58 13.02 24.05 -5.43
CA ASP B 58 12.62 24.49 -4.09
C ASP B 58 11.09 24.50 -4.00
N LEU B 59 10.55 23.66 -3.13
CA LEU B 59 9.10 23.55 -2.85
C LEU B 59 8.83 23.84 -1.38
N VAL B 60 7.58 24.20 -1.09
CA VAL B 60 7.00 24.21 0.27
C VAL B 60 5.70 23.42 0.18
N GLY B 61 5.59 22.34 0.98
CA GLY B 61 4.46 21.42 0.94
C GLY B 61 3.91 21.08 2.31
N TYR B 62 2.65 20.62 2.29
CA TYR B 62 2.03 19.87 3.40
C TYR B 62 2.86 18.60 3.65
N ASP B 63 3.34 18.42 4.89
CA ASP B 63 4.25 17.33 5.29
C ASP B 63 5.47 17.26 4.36
N GLY B 64 5.98 18.39 3.87
CA GLY B 64 7.22 18.44 3.07
C GLY B 64 7.16 17.53 1.85
N MET B 65 6.01 17.45 1.19
CA MET B 65 5.86 16.72 -0.08
CA MET B 65 5.82 16.69 -0.06
C MET B 65 4.79 17.42 -0.94
N SER B 66 4.84 17.18 -2.24
CA SER B 66 3.88 17.77 -3.20
C SER B 66 3.62 16.71 -4.24
N PRO B 67 2.35 16.28 -4.46
CA PRO B 67 1.20 16.77 -3.71
C PRO B 67 1.25 16.46 -2.21
N GLY B 68 0.41 17.16 -1.46
CA GLY B 68 0.13 16.86 -0.04
C GLY B 68 -0.37 15.42 0.08
N PRO B 69 -0.24 14.78 1.26
CA PRO B 69 -0.79 13.44 1.44
C PRO B 69 -2.31 13.49 1.23
N THR B 70 -2.89 12.37 0.84
CA THR B 70 -4.32 12.24 0.47
C THR B 70 -5.10 11.88 1.73
N PHE B 71 -6.08 12.70 2.12
CA PHE B 71 -7.03 12.36 3.19
C PHE B 71 -8.06 11.38 2.62
N GLN B 72 -8.51 10.46 3.48
CA GLN B 72 -9.57 9.48 3.14
C GLN B 72 -10.53 9.40 4.35
N VAL B 73 -11.69 10.02 4.22
CA VAL B 73 -12.58 10.32 5.38
C VAL B 73 -13.98 9.85 5.04
N PRO B 74 -14.58 9.01 5.89
CA PRO B 74 -15.96 8.56 5.67
C PRO B 74 -16.96 9.66 6.06
N ARG B 75 -18.00 9.77 5.26
CA ARG B 75 -19.16 10.63 5.54
CA ARG B 75 -19.13 10.68 5.55
C ARG B 75 -19.59 10.44 7.00
N GLY B 76 -19.85 11.53 7.74
CA GLY B 76 -20.33 11.46 9.13
C GLY B 76 -19.19 11.49 10.16
N VAL B 77 -17.93 11.47 9.75
CA VAL B 77 -16.80 11.55 10.71
C VAL B 77 -16.24 12.98 10.64
N GLU B 78 -16.41 13.72 11.72
CA GLU B 78 -15.81 15.08 11.85
C GLU B 78 -14.31 14.91 11.96
N THR B 79 -13.55 15.79 11.33
CA THR B 79 -12.07 15.79 11.40
C THR B 79 -11.62 17.15 11.92
N VAL B 80 -10.47 17.14 12.61
CA VAL B 80 -9.74 18.37 12.97
C VAL B 80 -8.35 18.17 12.41
N VAL B 81 -7.89 19.12 11.58
CA VAL B 81 -6.52 19.07 11.00
C VAL B 81 -5.78 20.27 11.55
N ARG B 82 -4.74 19.99 12.32
CA ARG B 82 -3.84 21.05 12.84
C ARG B 82 -2.82 21.31 11.75
N PHE B 83 -2.92 22.46 11.09
CA PHE B 83 -1.97 22.89 10.04
C PHE B 83 -0.95 23.82 10.68
N ILE B 84 0.29 23.32 10.75
CA ILE B 84 1.47 23.91 11.45
C ILE B 84 2.37 24.57 10.38
N ASN B 85 2.49 25.89 10.42
CA ASN B 85 3.36 26.67 9.49
C ASN B 85 4.77 26.62 10.06
N ASN B 86 5.66 25.87 9.39
CA ASN B 86 7.11 25.82 9.66
C ASN B 86 7.84 26.20 8.38
N ALA B 87 7.36 27.26 7.71
CA ALA B 87 7.85 27.71 6.38
C ALA B 87 8.27 29.19 6.47
N GLU B 88 8.28 29.91 5.33
CA GLU B 88 8.90 31.27 5.21
CA GLU B 88 8.90 31.27 5.20
C GLU B 88 7.82 32.33 4.98
N ALA B 89 6.59 31.92 4.68
CA ALA B 89 5.50 32.86 4.36
C ALA B 89 4.19 32.40 5.00
N PRO B 90 3.22 33.29 5.15
CA PRO B 90 1.94 32.93 5.75
C PRO B 90 1.15 31.91 4.89
N ASN B 91 0.20 31.23 5.53
CA ASN B 91 -0.72 30.29 4.83
C ASN B 91 -2.15 30.48 5.34
N SER B 92 -3.10 30.10 4.48
CA SER B 92 -4.54 29.96 4.84
C SER B 92 -5.05 28.72 4.11
N VAL B 93 -5.50 27.70 4.83
CA VAL B 93 -5.88 26.40 4.19
C VAL B 93 -7.36 26.44 3.88
N HIS B 94 -7.68 26.15 2.62
CA HIS B 94 -9.06 25.94 2.12
C HIS B 94 -9.28 24.47 1.77
N LEU B 95 -10.27 23.86 2.40
CA LEU B 95 -10.80 22.56 1.94
C LEU B 95 -11.88 22.85 0.90
N HIS B 96 -11.48 22.80 -0.37
CA HIS B 96 -12.33 23.09 -1.56
C HIS B 96 -13.28 21.91 -1.78
N GLY B 97 -14.60 22.19 -1.72
CA GLY B 97 -15.66 21.18 -1.84
C GLY B 97 -16.39 20.92 -0.53
N SER B 98 -16.00 21.60 0.56
CA SER B 98 -16.53 21.38 1.93
C SER B 98 -17.33 22.61 2.34
N PHE B 99 -18.50 22.40 2.94
CA PHE B 99 -19.32 23.49 3.50
C PHE B 99 -18.86 23.79 4.92
N SER B 100 -17.57 24.10 5.07
CA SER B 100 -16.89 24.41 6.35
C SER B 100 -17.47 25.72 6.87
N ARG B 101 -17.44 25.94 8.17
CA ARG B 101 -17.81 27.25 8.74
C ARG B 101 -16.81 28.29 8.23
N ALA B 102 -17.26 29.54 8.14
CA ALA B 102 -16.49 30.69 7.62
C ALA B 102 -15.04 30.70 8.14
N ALA B 103 -14.84 30.50 9.46
CA ALA B 103 -13.51 30.54 10.12
C ALA B 103 -12.73 29.23 9.92
N PHE B 104 -13.31 28.20 9.31
CA PHE B 104 -12.60 26.93 8.97
C PHE B 104 -12.50 26.74 7.45
N ASP B 105 -12.72 27.79 6.68
CA ASP B 105 -12.91 27.66 5.21
C ASP B 105 -11.70 28.16 4.43
N GLY B 106 -10.66 28.72 5.08
CA GLY B 106 -9.51 29.32 4.36
C GLY B 106 -9.80 30.72 3.83
N TRP B 107 -10.60 31.51 4.54
CA TRP B 107 -10.77 32.95 4.24
C TRP B 107 -9.38 33.56 3.96
N ALA B 108 -9.23 34.35 2.90
CA ALA B 108 -7.91 34.77 2.39
C ALA B 108 -7.12 35.59 3.44
N GLU B 109 -7.80 36.35 4.29
CA GLU B 109 -7.16 37.20 5.33
C GLU B 109 -6.97 36.40 6.61
N ASP B 110 -7.52 35.18 6.70
CA ASP B 110 -7.43 34.31 7.91
C ASP B 110 -6.13 33.48 7.83
N ILE B 111 -5.00 34.16 7.98
CA ILE B 111 -3.66 33.56 7.76
C ILE B 111 -3.08 33.04 9.08
N THR B 112 -2.15 32.10 8.92
CA THR B 112 -1.25 31.54 9.94
C THR B 112 0.14 32.00 9.54
N GLU B 113 0.86 32.65 10.46
CA GLU B 113 2.26 33.12 10.26
C GLU B 113 3.18 31.93 10.53
N PRO B 114 4.39 31.92 9.91
CA PRO B 114 5.43 30.99 10.31
C PRO B 114 5.55 30.97 11.83
N GLY B 115 5.67 29.80 12.43
CA GLY B 115 5.76 29.63 13.90
C GLY B 115 4.40 29.63 14.56
N SER B 116 3.34 29.68 13.75
CA SER B 116 1.95 29.55 14.22
C SER B 116 1.28 28.33 13.59
N PHE B 117 0.20 27.85 14.21
CA PHE B 117 -0.64 26.76 13.67
C PHE B 117 -2.10 27.14 13.81
N LYS B 118 -2.97 26.50 13.02
CA LYS B 118 -4.44 26.66 13.18
C LYS B 118 -5.12 25.28 13.13
N ASP B 119 -6.11 25.10 13.99
CA ASP B 119 -6.98 23.91 14.05
C ASP B 119 -8.18 24.15 13.13
N TYR B 120 -8.24 23.41 12.03
CA TYR B 120 -9.41 23.41 11.13
C TYR B 120 -10.36 22.26 11.50
N TYR B 121 -11.62 22.63 11.75
CA TYR B 121 -12.71 21.71 12.14
C TYR B 121 -13.59 21.51 10.90
N TYR B 122 -13.68 20.29 10.39
CA TYR B 122 -14.40 19.92 9.13
C TYR B 122 -15.56 18.97 9.40
N PRO B 123 -16.70 19.16 8.70
CA PRO B 123 -17.93 18.42 8.98
C PRO B 123 -18.04 17.05 8.31
N ASN B 124 -17.52 16.94 7.10
CA ASN B 124 -17.47 15.67 6.32
C ASN B 124 -18.88 15.08 6.22
N ARG B 125 -19.90 15.90 6.00
CA ARG B 125 -21.31 15.43 5.91
C ARG B 125 -21.85 15.44 4.47
N GLN B 126 -21.18 16.10 3.52
CA GLN B 126 -21.72 16.20 2.13
C GLN B 126 -21.65 14.82 1.43
N SER B 127 -22.23 14.72 0.23
CA SER B 127 -22.17 13.53 -0.64
C SER B 127 -20.70 13.18 -0.92
N ALA B 128 -20.40 11.88 -1.01
CA ALA B 128 -19.09 11.35 -1.44
C ALA B 128 -18.63 12.17 -2.65
N ARG B 129 -17.39 12.64 -2.59
CA ARG B 129 -16.81 13.51 -3.63
C ARG B 129 -15.31 13.57 -3.41
N THR B 130 -14.62 14.07 -4.43
CA THR B 130 -13.18 14.38 -4.39
C THR B 130 -13.06 15.87 -4.04
N LEU B 131 -12.65 16.16 -2.81
CA LEU B 131 -12.27 17.53 -2.38
C LEU B 131 -10.76 17.67 -2.61
N TRP B 132 -10.27 18.91 -2.43
CA TRP B 132 -8.82 19.15 -2.37
C TRP B 132 -8.57 20.27 -1.38
N TYR B 133 -7.42 20.22 -0.72
CA TYR B 133 -7.03 21.20 0.32
C TYR B 133 -5.87 21.96 -0.29
N HIS B 134 -5.93 23.28 -0.27
CA HIS B 134 -4.86 24.09 -0.89
C HIS B 134 -4.78 25.44 -0.21
N ASP B 135 -3.67 26.12 -0.45
CA ASP B 135 -3.40 27.43 0.19
C ASP B 135 -4.33 28.47 -0.42
N HIS B 136 -4.72 29.45 0.37
CA HIS B 136 -5.66 30.52 -0.04
C HIS B 136 -5.26 31.88 0.57
N ALA B 137 -3.99 32.07 0.99
CA ALA B 137 -3.56 33.33 1.65
C ALA B 137 -3.64 34.51 0.68
N MET B 138 -4.17 35.63 1.13
CA MET B 138 -4.40 36.83 0.28
C MET B 138 -3.09 37.23 -0.43
N HIS B 139 -3.18 37.36 -1.76
CA HIS B 139 -2.15 37.90 -2.69
C HIS B 139 -1.05 36.87 -3.00
N ILE B 140 -0.92 35.78 -2.25
CA ILE B 140 0.22 34.83 -2.43
C ILE B 140 -0.30 33.41 -2.65
N THR B 141 -1.59 33.25 -2.99
CA THR B 141 -2.22 31.94 -3.28
C THR B 141 -1.56 31.22 -4.47
N ALA B 142 -1.34 31.93 -5.58
CA ALA B 142 -0.73 31.37 -6.80
C ALA B 142 0.62 30.71 -6.47
N GLU B 143 1.53 31.45 -5.83
CA GLU B 143 2.91 30.97 -5.51
C GLU B 143 2.87 29.87 -4.43
N ASN B 144 2.06 30.03 -3.37
CA ASN B 144 1.91 28.96 -2.34
C ASN B 144 1.42 27.65 -2.99
N ALA B 145 0.42 27.70 -3.87
CA ALA B 145 -0.17 26.50 -4.51
C ALA B 145 0.87 25.92 -5.47
N TYR B 146 1.47 26.78 -6.27
CA TYR B 146 2.51 26.49 -7.29
C TYR B 146 3.72 25.77 -6.67
N ARG B 147 4.12 26.16 -5.46
CA ARG B 147 5.33 25.62 -4.81
C ARG B 147 4.97 24.35 -4.03
N GLY B 148 3.69 23.95 -3.95
CA GLY B 148 3.37 22.60 -3.49
C GLY B 148 2.23 22.48 -2.48
N GLN B 149 1.61 23.57 -2.04
CA GLN B 149 0.54 23.54 -1.01
C GLN B 149 -0.81 23.25 -1.68
N ALA B 150 -0.96 22.01 -2.12
CA ALA B 150 -2.22 21.39 -2.57
C ALA B 150 -2.12 19.87 -2.36
N GLY B 151 -3.21 19.28 -1.87
CA GLY B 151 -3.40 17.81 -1.76
C GLY B 151 -4.86 17.42 -1.95
N LEU B 152 -5.08 16.11 -2.06
CA LEU B 152 -6.41 15.51 -2.30
C LEU B 152 -7.04 15.10 -0.98
N TYR B 153 -8.37 15.17 -0.91
CA TYR B 153 -9.19 14.81 0.27
C TYR B 153 -10.43 14.08 -0.20
N MET B 154 -10.47 12.77 -0.02
CA MET B 154 -11.61 11.95 -0.54
C MET B 154 -12.62 11.77 0.57
N LEU B 155 -13.87 12.18 0.32
CA LEU B 155 -15.01 11.96 1.22
C LEU B 155 -15.74 10.72 0.69
N THR B 156 -15.73 9.64 1.46
CA THR B 156 -16.23 8.30 1.06
C THR B 156 -17.60 8.05 1.69
N ASP B 157 -18.35 7.13 1.10
CA ASP B 157 -19.71 6.76 1.52
C ASP B 157 -19.93 5.29 1.14
N PRO B 158 -20.29 4.40 2.09
CA PRO B 158 -20.52 2.99 1.79
C PRO B 158 -21.58 2.74 0.71
N ALA B 159 -22.59 3.60 0.61
CA ALA B 159 -23.60 3.58 -0.48
C ALA B 159 -22.96 3.75 -1.86
N GLU B 160 -21.91 4.57 -1.99
CA GLU B 160 -21.14 4.68 -3.27
C GLU B 160 -20.31 3.41 -3.45
N ASP B 161 -19.71 2.86 -2.39
CA ASP B 161 -18.85 1.65 -2.47
C ASP B 161 -19.68 0.48 -3.02
N ALA B 162 -20.99 0.48 -2.73
CA ALA B 162 -21.96 -0.57 -3.15
C ALA B 162 -22.27 -0.49 -4.65
N LEU B 163 -21.96 0.62 -5.33
CA LEU B 163 -22.08 0.72 -6.81
C LEU B 163 -21.08 -0.21 -7.52
N ASN B 164 -19.98 -0.58 -6.85
CA ASN B 164 -18.99 -1.56 -7.36
C ASN B 164 -18.21 -0.93 -8.53
N LEU B 165 -17.89 0.36 -8.43
CA LEU B 165 -17.02 1.07 -9.40
C LEU B 165 -15.61 0.55 -9.19
N PRO B 166 -14.73 0.64 -10.20
CA PRO B 166 -13.32 0.31 -10.01
C PRO B 166 -12.84 0.99 -8.72
N SER B 167 -12.09 0.27 -7.90
CA SER B 167 -11.88 0.62 -6.47
C SER B 167 -10.42 0.42 -6.07
N GLY B 168 -10.10 0.88 -4.86
CA GLY B 168 -8.78 0.72 -4.23
C GLY B 168 -7.87 1.86 -4.61
N TYR B 169 -7.67 2.80 -3.68
CA TYR B 169 -6.76 3.95 -3.84
C TYR B 169 -5.39 3.45 -4.27
N GLY B 170 -4.91 3.86 -5.43
CA GLY B 170 -3.61 3.46 -5.96
C GLY B 170 -3.63 2.08 -6.61
N GLU B 171 -4.79 1.40 -6.59
CA GLU B 171 -4.98 0.10 -7.28
CA GLU B 171 -5.02 0.09 -7.26
C GLU B 171 -5.73 0.37 -8.60
N PHE B 172 -7.05 0.53 -8.57
CA PHE B 172 -7.87 0.84 -9.78
C PHE B 172 -8.62 2.18 -9.60
N ASP B 173 -8.33 2.88 -8.51
CA ASP B 173 -8.85 4.23 -8.19
C ASP B 173 -7.62 5.14 -8.05
N ILE B 174 -7.31 5.86 -9.12
CA ILE B 174 -6.02 6.58 -9.29
C ILE B 174 -6.23 8.09 -9.21
N PRO B 175 -5.52 8.80 -8.31
CA PRO B 175 -5.57 10.25 -8.30
C PRO B 175 -4.80 10.79 -9.52
N MET B 176 -5.34 11.84 -10.15
CA MET B 176 -4.74 12.46 -11.35
C MET B 176 -4.72 13.98 -11.16
N ILE B 177 -3.79 14.44 -10.34
CA ILE B 177 -3.58 15.89 -10.02
C ILE B 177 -2.70 16.51 -11.10
N LEU B 178 -3.33 17.31 -11.97
CA LEU B 178 -2.71 17.96 -13.15
C LEU B 178 -2.13 19.31 -12.73
N THR B 179 -0.86 19.59 -13.05
CA THR B 179 -0.27 20.93 -12.91
C THR B 179 0.52 21.29 -14.18
N SER B 180 0.83 22.59 -14.32
CA SER B 180 1.51 23.17 -15.49
C SER B 180 2.52 24.19 -14.97
N LYS B 181 3.81 23.84 -15.00
CA LYS B 181 4.87 24.69 -14.41
C LYS B 181 5.94 24.98 -15.47
N GLN B 182 6.91 25.83 -15.09
CA GLN B 182 8.07 26.21 -15.92
C GLN B 182 9.31 26.11 -15.02
N TYR B 183 10.40 25.61 -15.58
CA TYR B 183 11.65 25.35 -14.86
C TYR B 183 12.78 26.19 -15.47
N THR B 184 13.73 26.58 -14.62
CA THR B 184 14.98 27.29 -15.02
C THR B 184 15.91 26.30 -15.70
N ALA B 185 16.97 26.80 -16.35
CA ALA B 185 18.00 25.97 -17.04
C ALA B 185 18.66 24.99 -16.05
N ASN B 186 18.65 25.32 -14.75
CA ASN B 186 19.28 24.54 -13.64
CA ASN B 186 19.29 24.46 -13.71
C ASN B 186 18.23 23.68 -12.91
N GLY B 187 17.00 23.60 -13.44
CA GLY B 187 15.96 22.66 -12.96
C GLY B 187 15.23 23.12 -11.71
N ASN B 188 15.36 24.38 -11.34
CA ASN B 188 14.49 24.98 -10.30
C ASN B 188 13.20 25.49 -10.95
N LEU B 189 12.20 25.79 -10.15
CA LEU B 189 10.94 26.39 -10.63
C LEU B 189 11.19 27.86 -10.97
N VAL B 190 10.60 28.30 -12.08
CA VAL B 190 10.37 29.75 -12.37
C VAL B 190 9.22 30.21 -11.47
N THR B 191 9.45 31.25 -10.68
CA THR B 191 8.45 31.84 -9.77
C THR B 191 7.28 32.39 -10.59
N THR B 192 6.06 32.37 -10.03
CA THR B 192 4.87 33.05 -10.59
C THR B 192 4.90 34.51 -10.18
N ASN B 193 5.73 34.86 -9.18
CA ASN B 193 5.80 36.25 -8.64
C ASN B 193 6.07 37.22 -9.79
N GLY B 194 5.35 38.33 -9.80
CA GLY B 194 5.44 39.35 -10.87
C GLY B 194 4.47 39.09 -12.00
N GLU B 195 3.96 37.86 -12.16
CA GLU B 195 3.02 37.56 -13.27
C GLU B 195 1.65 38.20 -12.97
N LEU B 196 1.11 38.96 -13.93
CA LEU B 196 -0.16 39.71 -13.76
C LEU B 196 -1.27 39.26 -14.73
N ASN B 197 -0.96 38.46 -15.75
CA ASN B 197 -1.97 38.02 -16.75
C ASN B 197 -2.32 36.56 -16.49
N SER B 198 -1.38 35.64 -16.72
CA SER B 198 -1.58 34.18 -16.50
C SER B 198 -0.21 33.49 -16.49
N PHE B 199 -0.07 32.46 -15.67
CA PHE B 199 1.16 31.64 -15.66
C PHE B 199 0.82 30.26 -16.23
N TRP B 200 1.01 30.12 -17.54
CA TRP B 200 0.56 28.91 -18.28
C TRP B 200 1.34 27.66 -17.88
N GLY B 201 2.68 27.75 -17.76
CA GLY B 201 3.60 26.60 -17.61
C GLY B 201 3.75 25.89 -18.93
N ASP B 202 4.90 25.28 -19.18
CA ASP B 202 5.14 24.49 -20.41
C ASP B 202 5.46 23.04 -20.07
N VAL B 203 5.50 22.69 -18.78
CA VAL B 203 5.74 21.29 -18.33
C VAL B 203 4.46 20.77 -17.65
N ILE B 204 3.85 19.74 -18.25
CA ILE B 204 2.64 19.09 -17.68
C ILE B 204 3.08 18.06 -16.64
N HIS B 205 2.48 18.13 -15.45
CA HIS B 205 2.74 17.19 -14.33
C HIS B 205 1.46 16.42 -14.04
N VAL B 206 1.59 15.15 -13.65
CA VAL B 206 0.53 14.42 -12.91
C VAL B 206 1.12 14.02 -11.55
N ASN B 207 0.40 14.31 -10.47
CA ASN B 207 0.80 14.06 -9.06
C ASN B 207 2.23 14.56 -8.83
N GLY B 208 2.57 15.72 -9.37
CA GLY B 208 3.87 16.37 -9.11
C GLY B 208 4.99 15.93 -10.04
N GLN B 209 4.74 14.99 -10.96
CA GLN B 209 5.77 14.38 -11.82
C GLN B 209 5.56 14.81 -13.26
N PRO B 210 6.53 15.49 -13.90
CA PRO B 210 6.46 15.74 -15.34
C PRO B 210 6.24 14.46 -16.17
N TRP B 211 5.28 14.52 -17.09
CA TRP B 211 5.04 13.52 -18.16
C TRP B 211 5.36 12.11 -17.69
N PRO B 212 4.59 11.56 -16.72
CA PRO B 212 4.85 10.21 -16.21
C PRO B 212 4.30 9.11 -17.12
N PHE B 213 4.57 7.86 -16.73
CA PHE B 213 3.90 6.67 -17.32
C PHE B 213 3.34 5.85 -16.16
N LYS B 214 2.38 4.99 -16.49
CA LYS B 214 1.86 3.95 -15.58
C LYS B 214 1.59 2.67 -16.37
N ASN B 215 2.04 1.53 -15.86
CA ASN B 215 1.62 0.20 -16.33
C ASN B 215 0.22 -0.08 -15.78
N VAL B 216 -0.72 -0.35 -16.68
CA VAL B 216 -2.13 -0.66 -16.34
C VAL B 216 -2.49 -2.02 -16.95
N GLU B 217 -3.49 -2.67 -16.38
CA GLU B 217 -4.06 -3.91 -16.95
C GLU B 217 -5.19 -3.54 -17.90
N PRO B 218 -5.51 -4.42 -18.88
CA PRO B 218 -6.58 -4.14 -19.84
C PRO B 218 -7.93 -4.36 -19.14
N ARG B 219 -8.29 -3.41 -18.28
CA ARG B 219 -9.56 -3.43 -17.51
C ARG B 219 -9.93 -1.99 -17.13
N LYS B 220 -10.95 -1.84 -16.30
CA LYS B 220 -11.51 -0.53 -15.91
C LYS B 220 -10.73 0.08 -14.74
N TYR B 221 -10.40 1.35 -14.91
CA TYR B 221 -9.81 2.18 -13.83
C TYR B 221 -10.73 3.39 -13.59
N ARG B 222 -10.79 3.82 -12.33
CA ARG B 222 -11.38 5.11 -11.90
C ARG B 222 -10.24 6.13 -11.82
N PHE B 223 -10.33 7.22 -12.57
CA PHE B 223 -9.32 8.32 -12.58
C PHE B 223 -9.96 9.56 -11.96
N ARG B 224 -9.40 10.07 -10.87
CA ARG B 224 -9.88 11.31 -10.22
C ARG B 224 -9.09 12.52 -10.73
N PHE B 225 -9.59 13.17 -11.78
CA PHE B 225 -8.91 14.32 -12.42
C PHE B 225 -9.17 15.58 -11.58
N LEU B 226 -8.09 16.31 -11.27
CA LEU B 226 -8.15 17.64 -10.59
C LEU B 226 -7.24 18.60 -11.37
N ASP B 227 -7.77 19.73 -11.81
CA ASP B 227 -6.87 20.76 -12.39
C ASP B 227 -6.36 21.64 -11.25
N ALA B 228 -5.17 21.36 -10.74
CA ALA B 228 -4.52 22.14 -9.67
C ALA B 228 -3.54 23.18 -10.25
N ALA B 229 -3.58 23.46 -11.56
CA ALA B 229 -2.67 24.41 -12.22
C ALA B 229 -2.99 25.83 -11.73
N VAL B 230 -2.00 26.71 -11.82
CA VAL B 230 -2.18 28.16 -11.55
C VAL B 230 -3.14 28.76 -12.60
N SER B 231 -2.91 28.52 -13.89
CA SER B 231 -3.65 29.21 -14.98
C SER B 231 -4.02 28.30 -16.14
N ARG B 232 -3.49 27.07 -16.22
CA ARG B 232 -3.73 26.22 -17.42
C ARG B 232 -5.04 25.43 -17.24
N SER B 233 -5.94 25.60 -18.24
CA SER B 233 -7.14 24.79 -18.50
C SER B 233 -6.79 23.66 -19.50
N PHE B 234 -7.51 22.55 -19.47
CA PHE B 234 -7.25 21.37 -20.31
C PHE B 234 -8.50 20.94 -21.10
N GLY B 235 -8.22 20.27 -22.20
CA GLY B 235 -9.20 19.47 -22.97
C GLY B 235 -8.63 18.07 -23.13
N LEU B 236 -8.94 17.19 -22.18
CA LEU B 236 -8.28 15.87 -22.04
C LEU B 236 -8.92 14.86 -22.99
N TYR B 237 -8.08 14.02 -23.58
CA TYR B 237 -8.55 12.86 -24.35
C TYR B 237 -7.48 11.78 -24.30
N PHE B 238 -7.90 10.54 -24.61
CA PHE B 238 -7.04 9.34 -24.63
C PHE B 238 -6.88 8.92 -26.10
N ALA B 239 -5.67 8.54 -26.46
CA ALA B 239 -5.37 8.02 -27.81
C ALA B 239 -4.32 6.93 -27.74
N ASP B 240 -4.57 5.86 -28.49
CA ASP B 240 -3.59 4.79 -28.80
C ASP B 240 -2.40 5.47 -29.52
N THR B 241 -1.15 5.18 -29.16
CA THR B 241 0.04 5.76 -29.86
C THR B 241 0.11 5.31 -31.33
N ASP B 242 -0.59 4.24 -31.72
CA ASP B 242 -0.74 3.78 -33.14
C ASP B 242 -1.72 4.66 -33.93
N ALA B 243 -2.52 5.50 -33.26
CA ALA B 243 -3.53 6.40 -33.86
C ALA B 243 -3.73 7.57 -32.90
N ILE B 244 -2.71 8.43 -32.84
CA ILE B 244 -2.46 9.39 -31.73
C ILE B 244 -3.50 10.51 -31.74
N ASP B 245 -4.26 10.66 -32.83
CA ASP B 245 -5.30 11.70 -32.97
C ASP B 245 -6.70 11.10 -32.79
N THR B 246 -6.84 9.77 -32.70
CA THR B 246 -8.18 9.13 -32.59
C THR B 246 -8.56 9.04 -31.11
N ARG B 247 -9.59 9.81 -30.72
CA ARG B 247 -10.04 9.95 -29.32
C ARG B 247 -10.80 8.70 -28.94
N LEU B 248 -10.43 8.07 -27.83
CA LEU B 248 -11.06 6.83 -27.31
C LEU B 248 -12.15 7.20 -26.33
N PRO B 249 -13.34 6.57 -26.44
CA PRO B 249 -14.44 6.86 -25.52
C PRO B 249 -14.14 6.49 -24.06
N PHE B 250 -14.74 7.25 -23.14
CA PHE B 250 -14.70 7.02 -21.68
C PHE B 250 -16.00 7.50 -21.05
N LYS B 251 -16.12 7.31 -19.74
CA LYS B 251 -17.36 7.71 -19.01
C LYS B 251 -16.95 8.65 -17.88
N VAL B 252 -17.65 9.77 -17.79
CA VAL B 252 -17.52 10.67 -16.60
C VAL B 252 -18.60 10.22 -15.63
N ILE B 253 -18.20 9.89 -14.42
CA ILE B 253 -19.11 9.40 -13.34
C ILE B 253 -19.32 10.47 -12.28
N ALA B 254 -18.51 11.52 -12.22
CA ALA B 254 -18.60 12.50 -11.11
C ALA B 254 -18.00 13.85 -11.48
N SER B 255 -18.57 14.90 -10.89
CA SER B 255 -18.15 16.30 -11.00
C SER B 255 -17.73 16.77 -9.61
N ASP B 256 -17.59 18.09 -9.41
CA ASP B 256 -16.97 18.67 -8.18
C ASP B 256 -17.65 18.11 -6.95
N SER B 257 -18.97 18.02 -7.00
CA SER B 257 -19.83 17.82 -5.82
C SER B 257 -20.23 16.35 -5.69
N GLY B 258 -19.74 15.45 -6.56
CA GLY B 258 -20.07 14.01 -6.44
C GLY B 258 -20.68 13.43 -7.70
N LEU B 259 -21.34 12.27 -7.58
CA LEU B 259 -21.75 11.46 -8.76
C LEU B 259 -22.71 12.27 -9.63
N LEU B 260 -22.59 12.10 -10.95
CA LEU B 260 -23.67 12.44 -11.90
C LEU B 260 -24.87 11.51 -11.66
N GLU B 261 -26.00 11.85 -12.24
CA GLU B 261 -27.22 11.01 -12.21
C GLU B 261 -26.93 9.71 -12.98
N HIS B 262 -26.28 9.86 -14.12
CA HIS B 262 -25.85 8.79 -15.05
C HIS B 262 -24.46 9.12 -15.57
N PRO B 263 -23.66 8.10 -15.95
CA PRO B 263 -22.39 8.33 -16.62
C PRO B 263 -22.64 9.12 -17.90
N ALA B 264 -21.77 10.08 -18.13
CA ALA B 264 -21.71 10.90 -19.36
C ALA B 264 -20.65 10.29 -20.28
N ASP B 265 -21.11 9.72 -21.40
CA ASP B 265 -20.24 9.13 -22.44
C ASP B 265 -19.49 10.28 -23.12
N THR B 266 -18.18 10.25 -23.11
CA THR B 266 -17.34 11.43 -23.42
C THR B 266 -16.10 10.93 -24.16
N SER B 267 -15.60 11.72 -25.11
CA SER B 267 -14.27 11.50 -25.75
CA SER B 267 -14.27 11.49 -25.74
C SER B 267 -13.37 12.72 -25.54
N LEU B 268 -13.93 13.82 -25.04
CA LEU B 268 -13.16 15.06 -24.77
C LEU B 268 -13.66 15.66 -23.46
N LEU B 269 -12.75 15.86 -22.50
CA LEU B 269 -13.13 16.38 -21.18
C LEU B 269 -12.48 17.75 -21.01
N TYR B 270 -13.30 18.79 -21.10
CA TYR B 270 -12.87 20.13 -20.67
C TYR B 270 -12.75 20.14 -19.16
N ILE B 271 -11.60 20.58 -18.65
CA ILE B 271 -11.38 20.75 -17.19
C ILE B 271 -10.48 21.97 -16.97
N SER B 272 -10.99 22.94 -16.21
CA SER B 272 -10.36 24.24 -15.88
C SER B 272 -9.99 24.23 -14.40
N MET B 273 -9.33 25.28 -13.94
CA MET B 273 -8.68 25.33 -12.61
C MET B 273 -9.71 25.03 -11.51
N ALA B 274 -9.39 24.05 -10.68
CA ALA B 274 -10.08 23.64 -9.42
C ALA B 274 -11.27 22.71 -9.70
N GLU B 275 -11.59 22.45 -10.97
CA GLU B 275 -12.59 21.42 -11.34
C GLU B 275 -12.05 20.02 -11.02
N ARG B 276 -12.94 19.18 -10.52
CA ARG B 276 -12.73 17.73 -10.34
C ARG B 276 -13.73 17.02 -11.24
N TYR B 277 -13.26 16.04 -11.99
CA TYR B 277 -14.08 15.08 -12.75
C TYR B 277 -13.48 13.70 -12.55
N GLU B 278 -14.32 12.74 -12.15
CA GLU B 278 -13.93 11.33 -12.04
C GLU B 278 -14.43 10.60 -13.27
N VAL B 279 -13.50 9.88 -13.87
CA VAL B 279 -13.62 9.22 -15.19
C VAL B 279 -13.44 7.71 -14.96
N VAL B 280 -14.20 6.89 -15.68
CA VAL B 280 -13.86 5.45 -15.82
C VAL B 280 -13.35 5.23 -17.23
N PHE B 281 -12.08 4.84 -17.36
CA PHE B 281 -11.49 4.41 -18.65
C PHE B 281 -11.37 2.87 -18.64
N ASP B 282 -11.83 2.25 -19.71
CA ASP B 282 -11.77 0.78 -19.90
C ASP B 282 -10.63 0.45 -20.87
N PHE B 283 -9.52 -0.07 -20.37
CA PHE B 283 -8.37 -0.43 -21.23
C PHE B 283 -8.57 -1.81 -21.88
N SER B 284 -9.70 -2.50 -21.69
CA SER B 284 -9.85 -3.92 -22.13
CA SER B 284 -9.97 -3.90 -22.17
C SER B 284 -9.61 -4.04 -23.65
N ASP B 285 -10.04 -3.07 -24.47
CA ASP B 285 -9.86 -3.15 -25.95
C ASP B 285 -8.43 -2.79 -26.36
N TYR B 286 -7.53 -2.45 -25.44
CA TYR B 286 -6.20 -1.91 -25.80
C TYR B 286 -5.07 -2.71 -25.16
N ALA B 287 -5.33 -4.00 -24.89
CA ALA B 287 -4.30 -4.95 -24.38
C ALA B 287 -3.06 -4.91 -25.31
N GLY B 288 -1.88 -4.72 -24.72
CA GLY B 288 -0.60 -4.72 -25.44
C GLY B 288 -0.33 -3.40 -26.13
N LYS B 289 -1.17 -2.39 -25.95
CA LYS B 289 -0.97 -1.03 -26.56
C LYS B 289 -0.46 -0.02 -25.51
N THR B 290 -0.01 1.14 -25.98
CA THR B 290 0.25 2.31 -25.12
C THR B 290 -0.80 3.37 -25.41
N ILE B 291 -1.50 3.79 -24.36
CA ILE B 291 -2.53 4.86 -24.41
C ILE B 291 -1.92 6.14 -23.82
N GLU B 292 -1.88 7.19 -24.62
CA GLU B 292 -1.41 8.52 -24.20
C GLU B 292 -2.63 9.38 -23.78
N LEU B 293 -2.60 9.90 -22.57
CA LEU B 293 -3.49 11.00 -22.14
C LEU B 293 -2.94 12.30 -22.73
N ARG B 294 -3.74 12.94 -23.58
CA ARG B 294 -3.33 14.14 -24.36
C ARG B 294 -4.25 15.31 -24.00
N ASN B 295 -3.82 16.50 -24.40
CA ASN B 295 -4.46 17.80 -24.10
C ASN B 295 -4.67 18.52 -25.45
N LEU B 296 -5.89 18.93 -25.70
CA LEU B 296 -6.30 19.73 -26.86
C LEU B 296 -5.47 21.01 -26.96
N GLY B 297 -4.95 21.34 -28.14
CA GLY B 297 -4.20 22.58 -28.41
C GLY B 297 -5.13 23.63 -28.98
N GLY B 298 -4.58 24.71 -29.55
CA GLY B 298 -5.38 25.84 -30.04
C GLY B 298 -6.16 26.49 -28.91
N SER B 299 -5.52 26.62 -27.75
CA SER B 299 -6.12 27.20 -26.52
C SER B 299 -7.43 26.46 -26.18
N ILE B 300 -7.29 25.16 -25.96
CA ILE B 300 -8.40 24.23 -25.58
C ILE B 300 -9.48 24.36 -26.65
N GLY B 301 -9.08 24.17 -27.91
CA GLY B 301 -10.02 24.11 -29.04
C GLY B 301 -10.81 25.40 -29.18
N GLY B 302 -10.20 26.54 -28.89
CA GLY B 302 -10.84 27.85 -29.06
C GLY B 302 -11.75 28.26 -27.90
N ILE B 303 -11.83 27.44 -26.86
CA ILE B 303 -12.59 27.78 -25.63
C ILE B 303 -11.72 28.74 -24.81
N GLY B 304 -10.42 28.48 -24.79
CA GLY B 304 -9.48 29.19 -23.89
C GLY B 304 -8.65 30.22 -24.62
N THR B 305 -7.66 30.78 -23.93
CA THR B 305 -6.64 31.68 -24.49
C THR B 305 -5.26 31.20 -24.06
N ASP B 306 -5.17 30.04 -23.42
CA ASP B 306 -3.87 29.54 -22.89
C ASP B 306 -2.83 29.43 -24.02
N THR B 307 -1.58 29.75 -23.70
CA THR B 307 -0.42 29.49 -24.61
C THR B 307 -0.16 27.99 -24.65
N ASP B 308 0.00 27.45 -25.84
CA ASP B 308 0.37 26.04 -26.09
C ASP B 308 1.85 25.98 -26.42
N TYR B 309 2.54 24.98 -25.87
CA TYR B 309 4.00 24.78 -26.06
C TYR B 309 4.20 23.40 -26.66
N ASP B 310 5.45 23.11 -27.04
CA ASP B 310 5.84 21.91 -27.83
C ASP B 310 5.28 20.64 -27.20
N ASN B 311 5.17 20.56 -25.86
CA ASN B 311 4.80 19.29 -25.19
C ASN B 311 3.59 19.42 -24.25
N THR B 312 2.86 20.53 -24.29
CA THR B 312 1.64 20.70 -23.46
C THR B 312 0.47 19.92 -24.08
N ASP B 313 0.64 19.32 -25.26
CA ASP B 313 -0.35 18.37 -25.85
C ASP B 313 -0.24 16.99 -25.18
N LYS B 314 0.79 16.76 -24.37
CA LYS B 314 1.09 15.46 -23.75
C LYS B 314 0.90 15.58 -22.23
N VAL B 315 0.22 14.61 -21.63
CA VAL B 315 0.01 14.55 -20.16
C VAL B 315 0.79 13.36 -19.61
N MET B 316 0.42 12.14 -20.01
CA MET B 316 1.11 10.91 -19.56
C MET B 316 0.73 9.74 -20.47
N ARG B 317 1.42 8.61 -20.27
CA ARG B 317 1.20 7.35 -21.04
C ARG B 317 0.81 6.19 -20.13
N PHE B 318 -0.16 5.40 -20.59
CA PHE B 318 -0.60 4.14 -19.96
C PHE B 318 -0.14 2.98 -20.84
N VAL B 319 0.69 2.12 -20.26
CA VAL B 319 1.25 0.94 -20.96
C VAL B 319 0.36 -0.23 -20.56
N VAL B 320 -0.45 -0.71 -21.48
CA VAL B 320 -1.49 -1.71 -21.19
C VAL B 320 -0.89 -3.12 -21.40
N ALA B 321 -0.89 -3.92 -20.33
CA ALA B 321 -0.48 -5.35 -20.33
C ALA B 321 -1.36 -6.17 -21.28
N ASP B 322 -0.90 -7.38 -21.63
CA ASP B 322 -1.61 -8.34 -22.52
C ASP B 322 -2.84 -8.93 -21.83
N ASP B 323 -2.78 -9.05 -20.51
CA ASP B 323 -3.78 -9.81 -19.72
C ASP B 323 -4.13 -9.03 -18.46
N THR B 324 -5.35 -9.19 -17.99
CA THR B 324 -5.75 -8.86 -16.59
C THR B 324 -5.59 -10.14 -15.76
N THR B 325 -4.90 -10.04 -14.63
CA THR B 325 -4.52 -11.18 -13.78
C THR B 325 -5.78 -11.82 -13.21
N GLN B 326 -6.60 -11.05 -12.51
CA GLN B 326 -7.92 -11.52 -11.97
C GLN B 326 -9.03 -10.82 -12.74
N PRO B 327 -10.14 -11.52 -13.07
CA PRO B 327 -11.25 -10.92 -13.82
C PRO B 327 -11.68 -9.59 -13.19
N ASP B 328 -11.95 -8.62 -14.06
CA ASP B 328 -12.47 -7.31 -13.64
C ASP B 328 -13.96 -7.51 -13.35
N THR B 329 -14.38 -7.45 -12.10
CA THR B 329 -15.79 -7.59 -11.68
C THR B 329 -16.40 -6.20 -11.39
N SER B 330 -15.66 -5.11 -11.62
CA SER B 330 -16.20 -3.75 -11.39
C SER B 330 -17.20 -3.45 -12.52
N VAL B 331 -18.07 -2.48 -12.29
CA VAL B 331 -19.13 -2.08 -13.27
C VAL B 331 -19.22 -0.55 -13.23
N VAL B 332 -19.79 0.00 -14.29
CA VAL B 332 -20.21 1.41 -14.26
C VAL B 332 -21.72 1.40 -14.40
N PRO B 333 -22.48 1.51 -13.28
CA PRO B 333 -23.93 1.43 -13.33
C PRO B 333 -24.51 2.60 -14.14
N ALA B 334 -25.58 2.34 -14.86
CA ALA B 334 -26.31 3.33 -15.68
C ALA B 334 -26.94 4.40 -14.77
N ASN B 335 -27.34 4.05 -13.56
CA ASN B 335 -27.95 4.97 -12.57
C ASN B 335 -27.02 5.07 -11.36
N LEU B 336 -26.39 6.23 -11.13
CA LEU B 336 -25.35 6.37 -10.10
C LEU B 336 -26.00 6.92 -8.83
N ARG B 337 -26.86 7.94 -8.95
CA ARG B 337 -27.58 8.49 -7.78
C ARG B 337 -28.72 9.41 -8.21
N ASP B 338 -29.54 9.76 -7.24
CA ASP B 338 -30.51 10.89 -7.30
C ASP B 338 -29.74 12.16 -6.93
N VAL B 339 -29.38 12.96 -7.91
CA VAL B 339 -28.61 14.21 -7.67
C VAL B 339 -29.49 15.21 -6.89
N PRO B 340 -29.05 15.76 -5.74
CA PRO B 340 -29.89 16.65 -4.94
C PRO B 340 -29.91 18.08 -5.50
N PHE B 341 -30.48 18.26 -6.69
CA PHE B 341 -30.57 19.58 -7.35
C PHE B 341 -31.38 20.53 -6.46
N PRO B 342 -31.03 21.82 -6.45
CA PRO B 342 -31.77 22.82 -5.68
C PRO B 342 -33.14 23.02 -6.32
N SER B 343 -34.13 23.37 -5.51
CA SER B 343 -35.51 23.70 -5.96
C SER B 343 -35.46 24.90 -6.90
N PRO B 344 -35.88 24.77 -8.18
CA PRO B 344 -35.75 25.87 -9.14
C PRO B 344 -36.35 27.19 -8.65
N THR B 345 -35.68 28.31 -8.90
CA THR B 345 -36.19 29.65 -8.53
C THR B 345 -36.59 30.44 -9.79
N THR B 346 -37.59 31.30 -9.65
CA THR B 346 -38.00 32.26 -10.72
C THR B 346 -37.43 33.64 -10.40
N ASN B 347 -36.75 33.81 -9.27
CA ASN B 347 -36.14 35.11 -8.89
C ASN B 347 -35.10 35.52 -9.94
N THR B 348 -35.06 36.83 -10.24
CA THR B 348 -34.10 37.49 -11.16
C THR B 348 -32.69 37.11 -10.75
N PRO B 349 -31.84 36.57 -11.65
CA PRO B 349 -30.46 36.26 -11.30
C PRO B 349 -29.66 37.52 -10.93
N ARG B 350 -28.79 37.40 -9.93
CA ARG B 350 -27.73 38.42 -9.67
C ARG B 350 -26.77 38.37 -10.84
N GLN B 351 -26.20 39.51 -11.20
CA GLN B 351 -25.23 39.60 -12.33
C GLN B 351 -23.84 39.88 -11.76
N PHE B 352 -22.84 39.10 -12.16
CA PHE B 352 -21.41 39.34 -11.85
C PHE B 352 -20.57 39.34 -13.11
N ARG B 353 -19.81 40.42 -13.31
CA ARG B 353 -18.98 40.59 -14.51
CA ARG B 353 -18.96 40.64 -14.51
C ARG B 353 -17.50 40.46 -14.11
N PHE B 354 -16.82 39.51 -14.74
CA PHE B 354 -15.40 39.15 -14.50
C PHE B 354 -14.62 39.79 -15.64
N GLY B 355 -13.89 40.86 -15.34
CA GLY B 355 -13.11 41.63 -16.31
C GLY B 355 -11.95 42.30 -15.62
N ARG B 356 -11.49 43.40 -16.21
CA ARG B 356 -10.29 44.14 -15.72
CA ARG B 356 -10.29 44.14 -15.72
C ARG B 356 -10.68 45.60 -15.49
N THR B 357 -10.18 46.18 -14.41
CA THR B 357 -10.23 47.63 -14.12
C THR B 357 -8.76 48.09 -14.13
N GLY B 358 -8.36 48.82 -15.16
CA GLY B 358 -6.93 49.07 -15.38
C GLY B 358 -6.21 47.73 -15.44
N PRO B 359 -5.12 47.55 -14.66
CA PRO B 359 -4.38 46.29 -14.63
C PRO B 359 -4.94 45.22 -13.67
N THR B 360 -5.95 45.54 -12.89
CA THR B 360 -6.47 44.66 -11.81
C THR B 360 -7.62 43.80 -12.35
N TRP B 361 -7.60 42.50 -12.08
CA TRP B 361 -8.73 41.58 -12.36
C TRP B 361 -9.81 41.82 -11.30
N THR B 362 -11.05 42.02 -11.69
CA THR B 362 -12.12 42.51 -10.77
C THR B 362 -13.45 41.83 -11.08
N ILE B 363 -14.36 41.98 -10.13
CA ILE B 363 -15.76 41.48 -10.18
C ILE B 363 -16.65 42.71 -10.02
N ASN B 364 -17.48 43.02 -11.01
CA ASN B 364 -18.35 44.21 -10.98
C ASN B 364 -17.47 45.44 -10.67
N GLY B 365 -16.23 45.44 -11.16
CA GLY B 365 -15.33 46.60 -11.07
C GLY B 365 -14.67 46.70 -9.71
N VAL B 366 -14.74 45.66 -8.88
CA VAL B 366 -14.25 45.67 -7.47
C VAL B 366 -13.12 44.67 -7.31
N ALA B 367 -12.07 45.09 -6.60
CA ALA B 367 -10.94 44.26 -6.12
C ALA B 367 -11.27 43.76 -4.73
N PHE B 368 -10.86 42.53 -4.42
CA PHE B 368 -11.12 41.89 -3.10
C PHE B 368 -10.54 42.77 -1.98
N ALA B 369 -9.36 43.36 -2.20
CA ALA B 369 -8.64 44.20 -1.21
C ALA B 369 -9.49 45.41 -0.82
N ASP B 370 -10.43 45.82 -1.69
CA ASP B 370 -11.35 46.95 -1.44
C ASP B 370 -12.45 46.50 -0.47
N VAL B 371 -12.09 46.37 0.79
CA VAL B 371 -12.97 45.84 1.86
C VAL B 371 -14.36 46.51 1.77
N GLN B 372 -14.40 47.82 1.72
CA GLN B 372 -15.66 48.62 1.69
C GLN B 372 -16.62 48.12 0.60
N ASN B 373 -16.13 47.64 -0.56
CA ASN B 373 -17.00 47.41 -1.74
C ASN B 373 -17.14 45.91 -2.11
N ARG B 374 -16.41 45.02 -1.45
CA ARG B 374 -16.18 43.64 -1.93
C ARG B 374 -17.33 42.70 -1.51
N LEU B 375 -18.19 43.08 -0.56
CA LEU B 375 -19.34 42.24 -0.15
C LEU B 375 -20.46 42.45 -1.16
N LEU B 376 -20.58 41.56 -2.16
CA LEU B 376 -21.41 41.87 -3.34
C LEU B 376 -22.81 41.28 -3.18
N ALA B 377 -23.07 40.48 -2.15
CA ALA B 377 -24.39 39.81 -2.01
C ALA B 377 -24.68 39.41 -0.56
N ASN B 378 -25.87 39.75 -0.08
CA ASN B 378 -26.45 39.24 1.19
C ASN B 378 -27.54 38.23 0.81
N VAL B 379 -27.40 36.98 1.24
CA VAL B 379 -28.29 35.84 0.88
C VAL B 379 -28.80 35.21 2.16
N PRO B 380 -30.11 35.30 2.47
CA PRO B 380 -30.67 34.58 3.60
C PRO B 380 -30.43 33.07 3.42
N VAL B 381 -29.94 32.45 4.49
CA VAL B 381 -29.67 31.00 4.55
C VAL B 381 -30.98 30.27 4.21
N GLY B 382 -30.91 29.27 3.34
CA GLY B 382 -32.07 28.45 2.92
C GLY B 382 -32.64 28.94 1.61
N THR B 383 -32.22 30.11 1.14
CA THR B 383 -32.67 30.70 -0.15
C THR B 383 -32.00 29.99 -1.33
N VAL B 384 -32.70 29.87 -2.45
CA VAL B 384 -32.10 29.46 -3.74
C VAL B 384 -31.98 30.71 -4.61
N GLU B 385 -30.80 30.91 -5.20
CA GLU B 385 -30.52 32.06 -6.10
C GLU B 385 -29.87 31.55 -7.39
N ARG B 386 -30.22 32.20 -8.49
CA ARG B 386 -29.42 32.16 -9.73
C ARG B 386 -28.42 33.31 -9.77
N TRP B 387 -27.17 33.00 -10.04
CA TRP B 387 -26.11 34.00 -10.33
C TRP B 387 -25.75 33.85 -11.79
N GLU B 388 -25.80 34.95 -12.53
CA GLU B 388 -25.39 35.04 -13.95
C GLU B 388 -23.95 35.53 -13.93
N LEU B 389 -23.02 34.68 -14.38
CA LEU B 389 -21.55 34.85 -14.31
C LEU B 389 -21.07 35.22 -15.72
N ILE B 390 -20.59 36.45 -15.90
CA ILE B 390 -20.40 37.06 -17.25
C ILE B 390 -18.91 37.27 -17.53
N ASN B 391 -18.39 36.66 -18.58
CA ASN B 391 -17.08 36.99 -19.16
C ASN B 391 -17.37 37.66 -20.52
N ALA B 392 -17.37 38.99 -20.58
CA ALA B 392 -17.62 39.74 -21.83
C ALA B 392 -16.37 39.74 -22.74
N GLY B 393 -15.21 39.32 -22.23
CA GLY B 393 -13.93 39.39 -22.93
C GLY B 393 -13.66 38.20 -23.84
N ASN B 394 -12.91 38.44 -24.91
CA ASN B 394 -12.45 37.38 -25.83
C ASN B 394 -10.99 37.04 -25.53
N GLY B 395 -10.34 37.80 -24.66
CA GLY B 395 -8.88 37.70 -24.49
C GLY B 395 -8.46 36.94 -23.27
N PHE B 396 -9.42 36.45 -22.47
CA PHE B 396 -9.13 35.71 -21.22
CA PHE B 396 -9.12 35.70 -21.22
C PHE B 396 -10.34 34.85 -20.84
N THR B 397 -10.13 33.92 -19.90
CA THR B 397 -11.19 33.03 -19.35
C THR B 397 -11.06 32.91 -17.84
N HIS B 398 -12.15 32.53 -17.19
CA HIS B 398 -12.33 32.57 -15.73
C HIS B 398 -13.13 31.36 -15.28
N PRO B 399 -12.51 30.36 -14.62
CA PRO B 399 -13.25 29.35 -13.88
C PRO B 399 -13.68 29.94 -12.54
N ILE B 400 -14.98 30.15 -12.39
CA ILE B 400 -15.59 30.85 -11.23
C ILE B 400 -15.96 29.81 -10.18
N HIS B 401 -15.52 30.07 -8.95
CA HIS B 401 -15.73 29.21 -7.78
C HIS B 401 -16.52 29.99 -6.74
N ILE B 402 -17.57 29.35 -6.22
CA ILE B 402 -18.39 29.90 -5.11
C ILE B 402 -18.17 28.97 -3.93
N HIS B 403 -17.67 29.49 -2.81
CA HIS B 403 -17.49 28.71 -1.56
C HIS B 403 -18.88 28.35 -1.01
N LEU B 404 -18.91 27.53 0.04
CA LEU B 404 -20.10 27.00 0.77
C LEU B 404 -20.91 26.05 -0.11
N VAL B 405 -21.38 26.49 -1.27
CA VAL B 405 -22.48 25.84 -2.03
C VAL B 405 -22.00 24.78 -3.05
N ASP B 406 -22.96 23.98 -3.48
CA ASP B 406 -22.95 23.18 -4.73
C ASP B 406 -23.99 23.82 -5.62
N PHE B 407 -23.72 23.96 -6.90
CA PHE B 407 -24.66 24.60 -7.83
C PHE B 407 -24.91 23.68 -9.03
N LYS B 408 -26.07 23.90 -9.62
CA LYS B 408 -26.44 23.36 -10.93
C LYS B 408 -26.12 24.40 -12.01
N VAL B 409 -25.47 23.98 -13.08
CA VAL B 409 -25.23 24.83 -14.28
C VAL B 409 -26.51 24.84 -15.09
N ILE B 410 -27.19 25.98 -15.15
CA ILE B 410 -28.51 26.14 -15.79
C ILE B 410 -28.32 26.34 -17.29
N SER B 411 -27.33 27.14 -17.70
CA SER B 411 -27.18 27.61 -19.11
C SER B 411 -25.77 28.14 -19.32
N ARG B 412 -25.32 28.09 -20.56
CA ARG B 412 -24.10 28.77 -21.03
C ARG B 412 -24.39 29.32 -22.43
N THR B 413 -24.01 30.59 -22.65
CA THR B 413 -23.98 31.23 -23.98
C THR B 413 -22.51 31.52 -24.30
N SER B 414 -22.17 31.44 -25.57
CA SER B 414 -20.82 31.73 -26.07
C SER B 414 -20.98 32.76 -27.18
N GLY B 415 -20.31 33.90 -27.01
CA GLY B 415 -20.23 34.93 -28.04
C GLY B 415 -19.48 34.43 -29.28
N ASN B 416 -18.81 33.27 -29.18
CA ASN B 416 -18.15 32.61 -30.33
C ASN B 416 -18.97 31.39 -30.77
N ASN B 417 -20.20 31.26 -30.26
CA ASN B 417 -21.12 30.14 -30.59
C ASN B 417 -20.39 28.80 -30.45
N ALA B 418 -19.57 28.65 -29.41
CA ALA B 418 -18.59 27.55 -29.26
C ALA B 418 -19.22 26.35 -28.58
N ARG B 419 -20.13 26.56 -27.62
CA ARG B 419 -20.72 25.46 -26.83
C ARG B 419 -21.84 26.01 -25.96
N THR B 420 -22.61 25.11 -25.38
CA THR B 420 -23.58 25.41 -24.28
C THR B 420 -23.14 24.59 -23.07
N VAL B 421 -24.09 24.00 -22.35
CA VAL B 421 -23.79 23.21 -21.13
C VAL B 421 -23.27 21.84 -21.56
N MET B 422 -22.23 21.34 -20.92
CA MET B 422 -21.61 20.05 -21.31
C MET B 422 -22.35 18.91 -20.61
N PRO B 423 -22.34 17.69 -21.17
CA PRO B 423 -22.99 16.55 -20.51
C PRO B 423 -22.49 16.24 -19.09
N TYR B 424 -21.18 16.41 -18.86
CA TYR B 424 -20.55 16.15 -17.54
C TYR B 424 -20.77 17.36 -16.62
N GLU B 425 -21.48 18.42 -17.06
CA GLU B 425 -21.94 19.55 -16.18
C GLU B 425 -23.42 19.33 -15.78
N SER B 426 -23.92 18.11 -15.88
CA SER B 426 -25.36 17.77 -15.71
C SER B 426 -25.74 17.72 -14.24
N GLY B 427 -24.75 17.56 -13.36
CA GLY B 427 -24.95 17.26 -11.93
C GLY B 427 -24.74 18.51 -11.08
N LEU B 428 -23.98 18.38 -10.01
CA LEU B 428 -23.67 19.52 -9.11
C LEU B 428 -22.17 19.80 -9.14
N LYS B 429 -21.85 21.08 -9.22
CA LYS B 429 -20.47 21.62 -9.32
C LYS B 429 -20.25 22.77 -8.33
N ASP B 430 -19.00 23.19 -8.18
CA ASP B 430 -18.68 24.39 -7.36
C ASP B 430 -17.71 25.30 -8.13
N VAL B 431 -17.32 24.90 -9.33
CA VAL B 431 -16.49 25.68 -10.27
C VAL B 431 -17.14 25.52 -11.63
N VAL B 432 -17.30 26.62 -12.37
CA VAL B 432 -17.72 26.53 -13.78
C VAL B 432 -16.85 27.46 -14.64
N TRP B 433 -16.44 26.98 -15.81
CA TRP B 433 -15.48 27.65 -16.71
C TRP B 433 -16.20 28.63 -17.65
N LEU B 434 -15.94 29.92 -17.47
CA LEU B 434 -16.37 30.98 -18.42
C LEU B 434 -15.27 31.06 -19.49
N GLY B 435 -15.42 30.32 -20.58
CA GLY B 435 -14.59 30.43 -21.78
C GLY B 435 -14.75 31.79 -22.44
N ARG B 436 -14.12 31.99 -23.59
CA ARG B 436 -14.12 33.31 -24.29
C ARG B 436 -15.57 33.72 -24.48
N ARG B 437 -15.95 34.92 -24.02
CA ARG B 437 -17.28 35.52 -24.30
C ARG B 437 -18.42 34.60 -23.83
N GLU B 438 -18.19 33.89 -22.73
CA GLU B 438 -19.19 32.96 -22.17
C GLU B 438 -19.87 33.60 -20.97
N THR B 439 -21.18 33.41 -20.90
CA THR B 439 -22.03 33.76 -19.75
C THR B 439 -22.66 32.47 -19.27
N VAL B 440 -22.48 32.16 -17.99
CA VAL B 440 -23.06 30.95 -17.35
C VAL B 440 -24.01 31.41 -16.26
N VAL B 441 -25.18 30.78 -16.18
CA VAL B 441 -26.11 30.92 -15.03
C VAL B 441 -25.99 29.68 -14.15
N VAL B 442 -25.78 29.90 -12.85
CA VAL B 442 -25.77 28.79 -11.86
C VAL B 442 -26.90 29.05 -10.88
N GLU B 443 -27.39 27.96 -10.30
CA GLU B 443 -28.48 27.90 -9.33
C GLU B 443 -28.00 27.12 -8.11
N ALA B 444 -28.04 27.76 -6.94
CA ALA B 444 -27.51 27.17 -5.69
C ALA B 444 -28.47 27.43 -4.54
N HIS B 445 -28.58 26.43 -3.67
CA HIS B 445 -29.14 26.51 -2.30
C HIS B 445 -28.09 27.09 -1.36
N TYR B 446 -28.29 28.33 -0.87
CA TYR B 446 -27.37 29.00 0.07
C TYR B 446 -27.69 28.52 1.48
N ALA B 447 -27.10 27.37 1.82
CA ALA B 447 -27.41 26.55 3.01
C ALA B 447 -26.27 25.56 3.26
N PRO B 448 -26.15 24.98 4.47
CA PRO B 448 -27.02 25.26 5.61
C PRO B 448 -26.51 26.25 6.68
N PHE B 449 -25.33 26.83 6.47
CA PHE B 449 -24.58 27.56 7.52
C PHE B 449 -24.50 29.06 7.18
N PRO B 450 -24.81 29.95 8.14
CA PRO B 450 -24.57 31.38 7.92
C PRO B 450 -23.09 31.74 7.98
N GLY B 451 -22.70 32.78 7.25
CA GLY B 451 -21.32 33.28 7.34
C GLY B 451 -20.91 34.03 6.10
N VAL B 452 -19.76 34.70 6.19
CA VAL B 452 -19.15 35.43 5.07
C VAL B 452 -18.23 34.44 4.37
N TYR B 453 -18.40 34.31 3.06
CA TYR B 453 -17.66 33.36 2.21
C TYR B 453 -17.17 34.04 0.93
N MET B 454 -16.12 33.47 0.36
CA MET B 454 -15.53 34.01 -0.88
C MET B 454 -16.19 33.39 -2.10
N PHE B 455 -16.08 34.12 -3.20
CA PHE B 455 -16.29 33.62 -4.58
C PHE B 455 -15.33 34.38 -5.48
N HIS B 456 -14.85 33.72 -6.53
CA HIS B 456 -13.68 34.24 -7.26
C HIS B 456 -13.43 33.42 -8.52
N CYS B 457 -12.63 34.00 -9.40
CA CYS B 457 -11.98 33.25 -10.49
C CYS B 457 -10.89 32.37 -9.86
N HIS B 458 -10.71 31.15 -10.34
CA HIS B 458 -9.72 30.19 -9.79
C HIS B 458 -8.45 30.12 -10.67
N ASN B 459 -8.33 30.97 -11.70
CA ASN B 459 -7.00 31.31 -12.28
C ASN B 459 -6.25 32.04 -11.17
N LEU B 460 -5.26 31.42 -10.56
CA LEU B 460 -4.71 31.93 -9.29
C LEU B 460 -4.01 33.29 -9.51
N ILE B 461 -3.56 33.59 -10.72
CA ILE B 461 -3.00 34.93 -11.07
C ILE B 461 -4.17 35.94 -10.99
N HIS B 462 -5.32 35.61 -11.56
CA HIS B 462 -6.49 36.52 -11.58
C HIS B 462 -6.95 36.73 -10.14
N GLU B 463 -7.06 35.65 -9.39
CA GLU B 463 -7.58 35.65 -8.00
C GLU B 463 -6.70 36.56 -7.11
N ASP B 464 -5.39 36.49 -7.28
CA ASP B 464 -4.42 37.21 -6.42
C ASP B 464 -4.49 38.73 -6.67
N HIS B 465 -4.80 39.17 -7.90
CA HIS B 465 -4.80 40.62 -8.24
CA HIS B 465 -4.80 40.62 -8.24
C HIS B 465 -5.91 40.91 -9.25
N ASP B 466 -7.18 40.92 -8.80
CA ASP B 466 -7.62 40.70 -7.42
C ASP B 466 -9.09 40.25 -7.51
N MET B 467 -9.33 39.21 -8.31
CA MET B 467 -10.66 38.90 -8.89
C MET B 467 -11.42 38.01 -7.90
N MET B 468 -11.82 38.59 -6.78
CA MET B 468 -12.38 37.82 -5.65
C MET B 468 -13.31 38.75 -4.88
N ALA B 469 -14.41 38.20 -4.40
CA ALA B 469 -15.45 38.96 -3.70
C ALA B 469 -16.00 38.10 -2.58
N ALA B 470 -16.94 38.65 -1.83
CA ALA B 470 -17.54 37.95 -0.70
C ALA B 470 -19.07 38.02 -0.81
N PHE B 471 -19.73 37.02 -0.26
CA PHE B 471 -21.17 37.07 0.06
C PHE B 471 -21.34 36.71 1.53
N ASN B 472 -22.45 37.17 2.06
CA ASN B 472 -22.89 36.91 3.45
C ASN B 472 -24.17 36.10 3.35
N ALA B 473 -24.09 34.85 3.82
CA ALA B 473 -25.25 33.97 4.00
C ALA B 473 -25.82 34.31 5.37
N THR B 474 -26.96 35.00 5.42
CA THR B 474 -27.43 35.76 6.61
C THR B 474 -28.49 34.97 7.36
N VAL B 475 -28.58 35.20 8.67
CA VAL B 475 -29.68 34.66 9.53
C VAL B 475 -30.24 35.78 10.40
N LEU B 476 -31.47 35.61 10.84
CA LEU B 476 -32.16 36.51 11.78
C LEU B 476 -31.51 36.33 13.14
N PRO B 477 -31.62 37.35 14.03
CA PRO B 477 -31.02 37.28 15.37
C PRO B 477 -31.44 36.10 16.25
N ASP B 478 -32.61 35.50 15.99
CA ASP B 478 -33.19 34.40 16.79
C ASP B 478 -32.70 33.02 16.33
N TYR B 479 -31.82 32.93 15.32
CA TYR B 479 -31.48 31.66 14.62
C TYR B 479 -30.82 30.64 15.55
N GLY B 480 -29.99 31.09 16.47
CA GLY B 480 -29.26 30.19 17.36
C GLY B 480 -28.03 29.58 16.69
N TYR B 481 -27.74 28.33 17.04
CA TYR B 481 -26.62 27.53 16.48
C TYR B 481 -25.27 28.25 16.66
N ASN B 482 -25.12 29.04 17.72
CA ASN B 482 -23.88 29.79 18.03
C ASN B 482 -23.45 30.59 16.79
N ALA B 483 -24.41 31.05 16.00
CA ALA B 483 -24.12 31.79 14.76
C ALA B 483 -23.22 32.99 15.09
N THR B 484 -23.37 33.63 16.25
CA THR B 484 -22.60 34.87 16.58
CA THR B 484 -22.60 34.87 16.60
C THR B 484 -21.10 34.57 16.64
N VAL B 485 -20.69 33.33 16.86
CA VAL B 485 -19.22 32.99 16.90
C VAL B 485 -18.76 32.26 15.63
N PHE B 486 -19.65 31.98 14.67
CA PHE B 486 -19.30 31.25 13.41
C PHE B 486 -19.57 32.07 12.13
N VAL B 487 -20.13 33.29 12.16
CA VAL B 487 -20.39 34.03 10.89
C VAL B 487 -19.14 34.81 10.42
N ASP B 488 -18.24 35.15 11.33
CA ASP B 488 -17.06 36.01 11.05
C ASP B 488 -15.84 35.11 10.87
N PRO B 489 -15.22 35.06 9.67
CA PRO B 489 -14.10 34.16 9.44
C PRO B 489 -12.88 34.50 10.33
N MET B 490 -12.83 35.74 10.84
CA MET B 490 -11.67 36.29 11.61
C MET B 490 -11.94 36.17 13.11
N GLU B 491 -13.06 35.55 13.49
CA GLU B 491 -13.41 35.28 14.91
C GLU B 491 -12.14 34.85 15.66
N GLU B 492 -11.82 35.54 16.75
CA GLU B 492 -10.59 35.30 17.56
C GLU B 492 -10.60 33.90 18.16
N LEU B 493 -11.74 33.31 18.51
CA LEU B 493 -11.78 31.92 19.07
C LEU B 493 -11.04 30.93 18.14
N TRP B 494 -11.06 31.15 16.83
CA TRP B 494 -10.59 30.14 15.84
C TRP B 494 -9.29 30.56 15.20
N GLN B 495 -8.70 31.69 15.63
CA GLN B 495 -7.47 32.23 14.97
C GLN B 495 -6.29 31.30 15.23
N ALA B 496 -5.31 31.33 14.33
CA ALA B 496 -4.00 30.66 14.49
C ALA B 496 -3.37 31.08 15.83
N ARG B 497 -2.50 30.25 16.35
CA ARG B 497 -1.83 30.44 17.66
C ARG B 497 -0.36 30.14 17.44
N PRO B 498 0.57 30.82 18.15
CA PRO B 498 1.98 30.44 18.07
C PRO B 498 2.26 29.11 18.77
N TYR B 499 3.34 28.44 18.36
CA TYR B 499 3.85 27.19 18.96
C TYR B 499 5.39 27.27 18.99
N GLU B 500 6.02 26.52 19.89
CA GLU B 500 7.49 26.31 19.91
C GLU B 500 7.77 24.98 19.19
N LEU B 501 8.75 24.97 18.28
CA LEU B 501 8.99 23.80 17.40
C LEU B 501 9.36 22.58 18.25
N GLY B 502 9.97 22.82 19.43
CA GLY B 502 10.35 21.79 20.41
C GLY B 502 9.16 20.98 20.89
N GLU B 503 8.07 21.66 21.25
CA GLU B 503 6.80 21.03 21.71
C GLU B 503 6.18 20.19 20.57
N PHE B 504 6.21 20.66 19.32
CA PHE B 504 5.66 19.89 18.18
C PHE B 504 6.47 18.60 17.99
N GLN B 505 7.80 18.73 18.02
CA GLN B 505 8.74 17.58 17.79
C GLN B 505 8.59 16.55 18.93
N ALA B 506 8.54 17.03 20.18
CA ALA B 506 8.39 16.19 21.39
C ALA B 506 6.94 15.73 21.52
N GLN B 507 6.00 16.41 20.85
CA GLN B 507 4.53 16.16 20.96
C GLN B 507 4.15 16.38 22.43
N SER B 508 4.63 17.50 22.98
CA SER B 508 4.47 17.90 24.40
C SER B 508 3.79 19.26 24.43
N GLY B 509 3.54 19.79 25.63
CA GLY B 509 2.82 21.05 25.83
C GLY B 509 1.53 21.02 25.05
N GLN B 510 1.32 21.95 24.12
CA GLN B 510 -0.02 22.13 23.50
C GLN B 510 -0.25 21.05 22.40
N PHE B 511 0.75 20.19 22.16
CA PHE B 511 0.68 19.00 21.27
C PHE B 511 0.61 17.70 22.07
N SER B 512 0.47 17.74 23.39
CA SER B 512 0.25 16.51 24.21
C SER B 512 -1.14 15.93 23.91
N VAL B 513 -1.31 14.62 24.10
CA VAL B 513 -2.64 13.95 23.95
C VAL B 513 -3.66 14.70 24.80
N GLN B 514 -3.27 15.11 26.02
CA GLN B 514 -4.21 15.75 26.97
C GLN B 514 -4.63 17.11 26.42
N ALA B 515 -3.69 17.94 25.97
CA ALA B 515 -3.95 19.32 25.50
C ALA B 515 -4.85 19.25 24.26
N VAL B 516 -4.50 18.40 23.30
CA VAL B 516 -5.24 18.25 22.01
C VAL B 516 -6.67 17.83 22.33
N THR B 517 -6.82 16.86 23.26
CA THR B 517 -8.13 16.29 23.66
C THR B 517 -8.97 17.44 24.23
N GLU B 518 -8.41 18.20 25.18
CA GLU B 518 -9.12 19.31 25.86
C GLU B 518 -9.50 20.38 24.82
N ARG B 519 -8.61 20.71 23.90
CA ARG B 519 -8.91 21.73 22.87
C ARG B 519 -10.06 21.23 21.96
N ILE B 520 -9.98 20.01 21.43
CA ILE B 520 -10.95 19.53 20.41
C ILE B 520 -12.30 19.39 21.10
N GLN B 521 -12.31 18.97 22.35
CA GLN B 521 -13.57 18.82 23.14
C GLN B 521 -14.18 20.21 23.35
N THR B 522 -13.36 21.23 23.64
CA THR B 522 -13.84 22.62 23.84
C THR B 522 -14.44 23.13 22.52
N MET B 523 -13.75 22.91 21.39
CA MET B 523 -14.22 23.31 20.04
C MET B 523 -15.55 22.60 19.76
N ALA B 524 -15.64 21.29 20.06
CA ALA B 524 -16.81 20.44 19.77
C ALA B 524 -18.06 20.99 20.50
N GLU B 525 -17.91 21.52 21.72
CA GLU B 525 -19.04 22.01 22.56
CA GLU B 525 -19.05 21.98 22.55
C GLU B 525 -19.78 23.17 21.88
N TYR B 526 -19.11 23.89 20.95
CA TYR B 526 -19.75 25.02 20.22
C TYR B 526 -20.70 24.50 19.13
N ARG B 527 -20.55 23.24 18.72
CA ARG B 527 -21.44 22.52 17.77
C ARG B 527 -21.49 23.26 16.44
N PRO B 528 -20.32 23.44 15.77
CA PRO B 528 -20.24 24.17 14.51
C PRO B 528 -21.08 23.64 13.35
N TYR B 529 -21.33 22.32 13.30
CA TYR B 529 -22.01 21.70 12.14
C TYR B 529 -23.35 21.09 12.53
N ALA B 530 -23.86 21.35 13.72
CA ALA B 530 -25.13 20.77 14.20
C ALA B 530 -26.27 21.05 13.22
N ALA B 531 -26.28 22.18 12.53
CA ALA B 531 -27.40 22.59 11.63
C ALA B 531 -27.43 21.72 10.37
N ALA B 532 -26.42 20.89 10.13
CA ALA B 532 -26.42 19.92 9.02
C ALA B 532 -26.74 18.51 9.55
N ASP B 533 -27.12 18.35 10.83
CA ASP B 533 -27.58 17.02 11.36
C ASP B 533 -28.93 16.65 10.71
N GLU B 534 -28.98 15.52 10.00
CA GLU B 534 -30.25 14.99 9.38
C GLU B 534 -31.30 14.80 10.50
C1 NAG C . 12.85 -43.73 -7.09
C2 NAG C . 14.09 -44.22 -7.81
C3 NAG C . 13.88 -44.34 -9.29
C4 NAG C . 12.59 -45.10 -9.57
C5 NAG C . 11.44 -44.47 -8.78
C6 NAG C . 10.18 -45.27 -9.01
C7 NAG C . 16.22 -43.65 -7.01
C8 NAG C . 17.31 -42.62 -7.08
N2 NAG C . 15.15 -43.31 -7.64
O3 NAG C . 15.00 -45.04 -9.76
O4 NAG C . 12.35 -45.01 -11.00
O5 NAG C . 11.72 -44.52 -7.41
O6 NAG C . 9.09 -44.61 -8.34
O7 NAG C . 16.27 -44.74 -6.47
C1 NAG C . 12.23 -46.28 -11.65
C2 NAG C . 11.59 -46.11 -13.02
C3 NAG C . 11.45 -47.45 -13.74
C4 NAG C . 12.76 -48.25 -13.76
C5 NAG C . 13.33 -48.24 -12.32
C6 NAG C . 14.68 -48.90 -12.22
C7 NAG C . 9.95 -44.36 -13.07
C8 NAG C . 8.49 -44.11 -12.88
N2 NAG C . 10.26 -45.61 -12.83
O3 NAG C . 10.93 -47.20 -15.06
O4 NAG C . 12.49 -49.60 -14.23
O5 NAG C . 13.50 -46.87 -11.89
O6 NAG C . 15.57 -48.02 -12.89
O7 NAG C . 10.76 -43.50 -13.39
C1 BMA C . 13.47 -50.01 -15.23
C2 BMA C . 13.45 -51.53 -15.40
C3 BMA C . 14.53 -51.98 -16.39
C4 BMA C . 14.36 -51.20 -17.70
C5 BMA C . 14.35 -49.69 -17.42
C6 BMA C . 14.24 -48.79 -18.66
O2 BMA C . 12.14 -51.90 -15.84
O3 BMA C . 14.52 -53.42 -16.57
O4 BMA C . 15.43 -51.55 -18.58
O5 BMA C . 13.28 -49.40 -16.50
O6 BMA C . 12.94 -48.87 -19.26
C1 NAG D . 2.73 -36.63 -20.71
C2 NAG D . 1.25 -36.46 -20.97
C3 NAG D . 0.95 -36.36 -22.46
C4 NAG D . 1.87 -35.39 -23.19
C5 NAG D . 3.32 -35.60 -22.77
C6 NAG D . 4.26 -34.62 -23.43
C7 NAG D . 0.02 -37.48 -19.11
C8 NAG D . -0.60 -38.74 -18.63
N2 NAG D . 0.52 -37.54 -20.35
O3 NAG D . -0.41 -35.95 -22.64
O4 NAG D . 1.71 -35.66 -24.59
O5 NAG D . 3.44 -35.53 -21.34
O6 NAG D . 3.94 -33.30 -23.00
O7 NAG D . 0.05 -36.49 -18.40
C1 NAG D . 1.30 -34.53 -25.34
C2 NAG D . 1.69 -34.68 -26.83
C3 NAG D . 1.09 -33.57 -27.70
C4 NAG D . -0.41 -33.45 -27.42
C5 NAG D . -0.48 -33.19 -25.90
C6 NAG D . -1.78 -32.60 -25.34
C7 NAG D . 3.58 -36.13 -27.07
C8 NAG D . 5.03 -36.39 -27.45
N2 NAG D . 3.12 -34.87 -27.05
O3 NAG D . 1.23 -33.89 -29.08
O4 NAG D . -0.95 -32.42 -28.27
O5 NAG D . -0.09 -34.41 -25.21
O6 NAG D . -1.40 -31.46 -24.51
O7 NAG D . 2.85 -37.11 -26.79
C1 NAG E . -23.25 38.91 7.94
C2 NAG E . -22.73 40.18 8.55
C3 NAG E . -22.86 40.20 10.09
C4 NAG E . -24.26 39.77 10.51
C5 NAG E . -24.58 38.46 9.80
C6 NAG E . -25.95 37.90 10.18
C7 NAG E . -20.97 41.39 7.51
C8 NAG E . -19.51 41.52 7.27
N2 NAG E . -21.36 40.39 8.23
O3 NAG E . -22.52 41.52 10.53
O4 NAG E . -24.23 39.52 11.91
O5 NAG E . -24.57 38.70 8.40
O6 NAG E . -26.10 36.59 9.69
O7 NAG E . -21.80 42.16 7.09
C1 NAG E . -25.23 40.29 12.59
C2 NAG E . -25.45 39.69 13.97
C3 NAG E . -26.48 40.49 14.76
C4 NAG E . -26.10 41.98 14.78
C5 NAG E . -25.84 42.48 13.36
C6 NAG E . -25.27 43.89 13.39
C7 NAG E . -25.13 37.26 14.02
C8 NAG E . -25.77 35.90 13.90
N2 NAG E . -25.92 38.32 13.82
O3 NAG E . -26.61 39.96 16.10
O4 NAG E . -27.15 42.78 15.37
O5 NAG E . -24.87 41.65 12.69
O6 NAG E . -23.97 43.84 14.01
O7 NAG E . -23.96 37.40 14.29
C1 BMA E . -26.75 43.46 16.60
C2 BMA E . -27.56 44.76 16.72
C3 BMA E . -27.07 45.58 17.92
C4 BMA E . -27.04 44.74 19.19
C5 BMA E . -26.35 43.37 18.97
C6 BMA E . -26.36 42.45 20.22
O2 BMA E . -28.96 44.46 16.85
O3 BMA E . -27.85 46.78 18.10
O4 BMA E . -26.29 45.47 20.15
O5 BMA E . -26.89 42.70 17.81
O6 BMA E . -27.61 42.33 20.94
C1 NAG F . -22.60 27.33 21.96
C2 NAG F . -23.43 26.12 22.37
C3 NAG F . -23.47 25.98 23.88
C4 NAG F . -22.04 25.99 24.43
C5 NAG F . -21.21 27.17 23.88
C6 NAG F . -19.73 27.15 24.30
C7 NAG F . -25.16 25.89 20.67
C8 NAG F . -26.59 26.25 20.39
N2 NAG F . -24.78 26.23 21.89
O3 NAG F . -24.14 24.75 24.17
O4 NAG F . -22.12 26.04 25.86
O5 NAG F . -21.26 27.20 22.45
O6 NAG F . -19.06 26.02 23.69
O7 NAG F . -24.44 25.37 19.82
C1 NAG F . -21.36 25.04 26.55
C2 NAG F . -21.08 25.51 27.99
C3 NAG F . -20.49 24.38 28.84
C4 NAG F . -21.36 23.14 28.76
C5 NAG F . -21.47 22.76 27.27
C6 NAG F . -22.29 21.50 27.05
C7 NAG F . -20.63 27.92 28.07
C8 NAG F . -19.63 29.01 27.89
N2 NAG F . -20.17 26.67 27.99
O3 NAG F . -20.47 24.79 30.21
O4 NAG F . -20.80 22.13 29.62
O5 NAG F . -22.09 23.82 26.55
O6 NAG F . -23.68 21.76 27.31
O7 NAG F . -21.81 28.17 28.22
CU CU G . 19.94 -29.69 13.82
CU CU H . 14.35 -28.54 2.69
CU CU I . 12.27 -24.46 4.38
CU CU J . 10.47 -27.68 2.65
C1 SIN K . -4.60 -31.29 -14.69
O1 SIN K . -4.96 -31.19 -13.49
O2 SIN K . -4.78 -32.31 -15.40
C2 SIN K . -3.90 -30.11 -15.34
C3 SIN K . -2.91 -29.36 -14.50
C4 SIN K . -1.66 -30.12 -14.10
O3 SIN K . -0.83 -29.52 -13.40
O4 SIN K . -1.54 -31.33 -14.44
C1 SIN L . 24.55 -25.83 -14.23
O1 SIN L . 25.30 -25.82 -13.23
O2 SIN L . 24.98 -25.72 -15.39
C2 SIN L . 23.05 -25.95 -14.03
C3 SIN L . 22.24 -25.34 -15.15
C4 SIN L . 22.44 -23.84 -15.34
O3 SIN L . 22.64 -23.13 -14.28
O4 SIN L . 22.41 -23.37 -16.53
C1 GOL M . 28.47 -16.25 17.19
O1 GOL M . 29.01 -15.02 16.71
C2 GOL M . 27.20 -16.66 16.48
O2 GOL M . 26.54 -17.68 17.24
C3 GOL M . 26.27 -15.48 16.17
O3 GOL M . 25.77 -14.81 17.32
C1 GOL N . -3.83 -49.89 7.69
O1 GOL N . -4.40 -50.56 8.82
C2 GOL N . -2.64 -49.02 8.06
O2 GOL N . -1.88 -49.61 9.11
C3 GOL N . -1.74 -48.74 6.87
O3 GOL N . -0.87 -47.63 7.10
C1 GOL O . -15.22 -9.18 7.36
O1 GOL O . -16.11 -9.27 6.25
C2 GOL O . -13.80 -9.59 7.00
O2 GOL O . -13.19 -8.51 6.30
C3 GOL O . -12.97 -9.94 8.21
O3 GOL O . -13.12 -8.98 9.26
C1 GOL P . -11.09 -35.71 7.48
O1 GOL P . -12.27 -36.01 6.73
C2 GOL P . -10.28 -36.95 7.86
O2 GOL P . -8.91 -36.84 7.47
C3 GOL P . -10.29 -37.22 9.35
O3 GOL P . -9.04 -37.76 9.80
C1 GOL Q . 21.77 -30.35 32.44
O1 GOL Q . 20.99 -29.28 31.91
C2 GOL Q . 21.00 -31.67 32.54
O2 GOL Q . 20.05 -31.76 31.48
C3 GOL Q . 21.93 -32.88 32.49
O3 GOL Q . 21.25 -34.13 32.66
O1 OXY R . 13.81 -26.18 3.64
O2 OXY R . 12.81 -26.98 3.26
CU CU S . -9.97 34.81 -14.29
CU CU T . -11.55 30.16 -2.82
CU CU U . -9.92 25.85 -4.58
CU CU V . -13.34 26.61 -2.47
C1 SIN W . -23.47 17.47 16.72
O1 SIN W . -24.21 17.61 17.73
O2 SIN W . -23.89 17.33 15.55
C2 SIN W . -21.97 17.50 16.96
C3 SIN W . -21.16 17.95 15.76
C4 SIN W . -21.22 19.44 15.44
O3 SIN W . -20.34 19.88 14.73
O4 SIN W . -22.13 20.14 15.92
C1 SIN X . -0.92 33.79 14.20
O1 SIN X . -0.38 33.53 15.32
O2 SIN X . -0.41 33.47 13.07
C2 SIN X . -2.25 34.54 14.22
C3 SIN X . -2.56 35.35 12.97
C4 SIN X . -1.57 36.49 12.72
O3 SIN X . -1.86 37.35 11.83
O4 SIN X . -0.53 36.54 13.43
NA NA Y . -18.51 10.55 -5.53
C1 GOL Z . 3.89 30.42 -18.64
O1 GOL Z . 4.88 29.55 -19.16
C2 GOL Z . 4.15 31.89 -18.92
O2 GOL Z . 2.95 32.58 -18.58
C3 GOL Z . 5.31 32.49 -18.14
O3 GOL Z . 6.55 32.42 -18.84
C1 GOL AA . -8.91 5.36 8.79
O1 GOL AA . -9.21 4.00 9.15
C2 GOL AA . -7.55 5.49 8.15
O2 GOL AA . -6.58 5.09 9.12
C3 GOL AA . -7.23 6.90 7.66
O3 GOL AA . -7.68 7.14 6.34
C1 GOL BA . -32.71 31.10 8.00
O1 GOL BA . -33.38 30.21 8.87
C2 GOL BA . -33.06 32.55 8.28
O2 GOL BA . -32.62 32.94 9.59
C3 GOL BA . -32.48 33.46 7.20
O3 GOL BA . -32.77 34.84 7.41
C1 GOL CA . -26.68 12.72 -16.22
O1 GOL CA . -28.04 12.86 -16.61
C2 GOL CA . -25.77 12.49 -17.40
O2 GOL CA . -24.43 12.48 -16.93
C3 GOL CA . -25.94 13.50 -18.51
O3 GOL CA . -24.94 13.36 -19.52
O1 OXY DA . -11.35 27.87 -3.48
O2 OXY DA . -10.17 28.31 -3.83
#